data_1KIJ
#
_entry.id   1KIJ
#
_cell.length_a   44.880
_cell.length_b   125.550
_cell.length_c   79.830
_cell.angle_alpha   90.00
_cell.angle_beta   96.36
_cell.angle_gamma   90.00
#
_symmetry.space_group_name_H-M   'P 1 21 1'
#
loop_
_entity.id
_entity.type
_entity.pdbx_description
1 polymer 'DNA GYRASE SUBUNIT B'
2 non-polymer NOVOBIOCIN
3 non-polymer 'FORMIC ACID'
4 water water
#
_entity_poly.entity_id   1
_entity_poly.type   'polypeptide(L)'
_entity_poly.pdbx_seq_one_letter_code
;MSYDASAIRVLKGLEGVRHRPAMYIGGTGVEGYHHLFKEILDNAVDEALAGYATEILVRLNEDGSLTVEDNGRGIPVDLM
PEEGKPAVEVIYNTLHSGGKFEQGAYKVSGGLHGVGASVVNALSEWTVVEVFREGKHHRIAFSRGEVTEPLRVVGEAPRG
KTGTRVTFKPDPEIFGNLRFDPSKIRARLREVAYLVAGLKLVFQDRQHGKEEVFLDKGGVASFAKALAEGEDLLYEKPFL
IRGTHGEVEVEVGFLHTQGYNAEILTYANMIPTRDGGTHLTAFKSAYSRALNQYAKKAGLNKEKGPQPTGDDLLEGLYAV
VSVKLPNPQFEGQTKGKLLNPEAGTAVGQVVYERLLEILEENPRIAKAVYEKALRAAQAREAARKARELV
;
_entity_poly.pdbx_strand_id   A,B
#
# COMPACT_ATOMS: atom_id res chain seq x y z
N ALA A 7 -19.20 25.06 11.23
CA ALA A 7 -19.24 24.13 10.05
C ALA A 7 -18.05 23.18 10.09
N ILE A 8 -16.86 23.72 10.35
CA ILE A 8 -15.65 22.92 10.44
C ILE A 8 -15.65 22.30 11.83
N ARG A 9 -15.15 21.08 11.94
CA ARG A 9 -15.08 20.41 13.22
C ARG A 9 -13.68 19.88 13.48
N VAL A 10 -13.16 20.16 14.67
CA VAL A 10 -11.84 19.66 15.05
C VAL A 10 -12.10 18.35 15.82
N LEU A 11 -11.48 17.28 15.35
CA LEU A 11 -11.64 15.97 15.98
C LEU A 11 -10.43 15.68 16.84
N LYS A 12 -10.63 15.62 18.16
CA LYS A 12 -9.53 15.37 19.07
C LYS A 12 -9.43 13.93 19.54
N GLY A 13 -8.22 13.38 19.46
CA GLY A 13 -7.96 12.03 19.90
C GLY A 13 -8.71 10.97 19.12
N LEU A 14 -9.34 10.04 19.86
CA LEU A 14 -10.07 8.94 19.24
C LEU A 14 -11.35 9.35 18.52
N GLU A 15 -11.83 10.57 18.74
CA GLU A 15 -13.04 11.04 18.08
C GLU A 15 -12.86 10.93 16.57
N GLY A 16 -11.67 11.27 16.09
CA GLY A 16 -11.38 11.20 14.67
C GLY A 16 -11.45 9.81 14.09
N VAL A 17 -11.09 8.80 14.87
CA VAL A 17 -11.14 7.41 14.40
C VAL A 17 -12.58 6.97 14.11
N ARG A 18 -13.49 7.24 15.04
CA ARG A 18 -14.88 6.87 14.84
C ARG A 18 -15.54 7.77 13.80
N HIS A 19 -15.02 8.99 13.64
CA HIS A 19 -15.57 9.90 12.64
C HIS A 19 -15.22 9.43 11.24
N ARG A 20 -14.01 8.88 11.07
CA ARG A 20 -13.58 8.41 9.75
C ARG A 20 -12.73 7.16 9.87
N PRO A 21 -13.37 6.01 10.12
CA PRO A 21 -12.65 4.74 10.26
C PRO A 21 -11.80 4.31 9.06
N ALA A 22 -12.30 4.50 7.85
CA ALA A 22 -11.55 4.09 6.65
C ALA A 22 -10.17 4.72 6.54
N MET A 23 -9.99 5.90 7.13
CA MET A 23 -8.69 6.56 7.08
C MET A 23 -7.68 5.84 7.98
N TYR A 24 -8.18 5.02 8.91
CA TYR A 24 -7.32 4.27 9.82
C TYR A 24 -7.19 2.80 9.47
N ILE A 25 -8.27 2.22 8.94
CA ILE A 25 -8.23 0.80 8.59
C ILE A 25 -8.54 0.49 7.12
N GLY A 26 -8.63 1.54 6.30
CA GLY A 26 -8.88 1.36 4.88
C GLY A 26 -10.33 1.26 4.43
N GLY A 27 -11.17 0.72 5.30
CA GLY A 27 -12.58 0.57 4.96
C GLY A 27 -13.30 -0.11 6.10
N THR A 28 -14.63 -0.10 6.04
CA THR A 28 -15.42 -0.71 7.10
C THR A 28 -16.06 -2.03 6.69
N GLY A 29 -15.42 -2.74 5.77
CA GLY A 29 -15.92 -4.03 5.34
C GLY A 29 -15.11 -5.17 5.96
N VAL A 30 -15.05 -6.30 5.29
CA VAL A 30 -14.33 -7.47 5.79
C VAL A 30 -12.83 -7.23 6.05
N GLU A 31 -12.14 -6.56 5.13
CA GLU A 31 -10.72 -6.28 5.32
C GLU A 31 -10.47 -5.41 6.54
N GLY A 32 -11.20 -4.31 6.65
CA GLY A 32 -11.02 -3.42 7.78
C GLY A 32 -11.27 -4.15 9.09
N TYR A 33 -12.36 -4.92 9.13
CA TYR A 33 -12.75 -5.69 10.31
C TYR A 33 -11.59 -6.55 10.82
N HIS A 34 -10.96 -7.29 9.92
CA HIS A 34 -9.85 -8.15 10.30
C HIS A 34 -8.55 -7.42 10.66
N HIS A 35 -8.40 -6.18 10.21
CA HIS A 35 -7.22 -5.41 10.57
C HIS A 35 -7.22 -5.19 12.09
N LEU A 36 -8.42 -5.18 12.68
CA LEU A 36 -8.55 -5.02 14.14
C LEU A 36 -7.92 -6.24 14.80
N PHE A 37 -8.21 -7.41 14.25
CA PHE A 37 -7.64 -8.65 14.74
C PHE A 37 -6.11 -8.62 14.54
N LYS A 38 -5.67 -8.29 13.33
CA LYS A 38 -4.25 -8.23 13.04
C LYS A 38 -3.48 -7.30 13.99
N GLU A 39 -4.08 -6.18 14.35
CA GLU A 39 -3.43 -5.24 15.26
C GLU A 39 -3.22 -5.81 16.65
N ILE A 40 -4.27 -6.35 17.26
CA ILE A 40 -4.15 -6.91 18.59
C ILE A 40 -3.19 -8.08 18.60
N LEU A 41 -3.21 -8.87 17.53
CA LEU A 41 -2.29 -9.99 17.42
C LEU A 41 -0.87 -9.45 17.36
N ASP A 42 -0.66 -8.35 16.62
CA ASP A 42 0.67 -7.75 16.50
C ASP A 42 1.20 -7.29 17.85
N ASN A 43 0.33 -6.76 18.70
CA ASN A 43 0.74 -6.30 20.02
C ASN A 43 1.33 -7.52 20.75
N ALA A 44 0.65 -8.67 20.66
CA ALA A 44 1.13 -9.88 21.32
C ALA A 44 2.45 -10.35 20.70
N VAL A 45 2.50 -10.40 19.38
CA VAL A 45 3.71 -10.84 18.69
C VAL A 45 4.92 -9.97 19.05
N ASP A 46 4.71 -8.68 19.28
CA ASP A 46 5.82 -7.80 19.65
C ASP A 46 6.48 -8.33 20.93
N GLU A 47 5.72 -8.93 21.84
CA GLU A 47 6.33 -9.50 23.06
C GLU A 47 7.23 -10.69 22.71
N ALA A 48 6.81 -11.48 21.72
CA ALA A 48 7.59 -12.63 21.28
C ALA A 48 8.87 -12.13 20.64
N LEU A 49 8.75 -11.08 19.82
CA LEU A 49 9.90 -10.49 19.15
C LEU A 49 10.88 -9.90 20.16
N ALA A 50 10.36 -9.42 21.29
CA ALA A 50 11.20 -8.85 22.34
C ALA A 50 11.82 -9.96 23.18
N GLY A 51 11.35 -11.19 22.99
CA GLY A 51 11.89 -12.33 23.71
C GLY A 51 11.23 -12.73 25.02
N TYR A 52 10.07 -12.15 25.33
CA TYR A 52 9.41 -12.46 26.59
C TYR A 52 8.13 -13.27 26.45
N ALA A 53 7.82 -13.69 25.22
CA ALA A 53 6.62 -14.47 24.96
C ALA A 53 6.88 -15.64 24.04
N THR A 54 6.26 -16.77 24.36
CA THR A 54 6.43 -17.99 23.57
C THR A 54 5.13 -18.55 23.04
N GLU A 55 4.00 -18.14 23.60
CA GLU A 55 2.72 -18.69 23.18
C GLU A 55 1.60 -17.66 23.13
N ILE A 56 0.89 -17.63 22.02
CA ILE A 56 -0.22 -16.70 21.84
C ILE A 56 -1.47 -17.49 21.53
N LEU A 57 -2.55 -17.21 22.25
CA LEU A 57 -3.81 -17.88 22.02
C LEU A 57 -4.81 -16.90 21.40
N VAL A 58 -5.45 -17.33 20.32
CA VAL A 58 -6.45 -16.53 19.65
C VAL A 58 -7.70 -17.38 19.66
N ARG A 59 -8.72 -16.89 20.34
CA ARG A 59 -9.98 -17.61 20.45
C ARG A 59 -11.16 -16.78 19.96
N LEU A 60 -11.93 -17.35 19.05
CA LEU A 60 -13.11 -16.69 18.51
C LEU A 60 -14.25 -17.14 19.42
N ASN A 61 -14.81 -16.21 20.20
CA ASN A 61 -15.89 -16.52 21.11
C ASN A 61 -17.25 -16.61 20.42
N GLU A 62 -18.15 -17.40 20.98
CA GLU A 62 -19.47 -17.60 20.39
C GLU A 62 -20.24 -16.30 20.13
N ASP A 63 -20.08 -15.32 21.00
CA ASP A 63 -20.77 -14.03 20.82
C ASP A 63 -20.12 -13.12 19.77
N GLY A 64 -19.09 -13.63 19.09
CA GLY A 64 -18.42 -12.83 18.07
C GLY A 64 -17.18 -12.09 18.53
N SER A 65 -16.97 -11.96 19.83
CA SER A 65 -15.79 -11.27 20.32
C SER A 65 -14.57 -12.15 20.10
N LEU A 66 -13.39 -11.51 20.03
CA LEU A 66 -12.15 -12.23 19.81
C LEU A 66 -11.22 -12.04 21.00
N THR A 67 -10.66 -13.14 21.49
CA THR A 67 -9.74 -13.09 22.63
C THR A 67 -8.31 -13.40 22.18
N VAL A 68 -7.38 -12.50 22.53
CA VAL A 68 -5.97 -12.69 22.20
C VAL A 68 -5.16 -12.63 23.50
N GLU A 69 -4.57 -13.77 23.87
CA GLU A 69 -3.80 -13.84 25.08
C GLU A 69 -2.36 -14.26 24.83
N ASP A 70 -1.42 -13.49 25.37
CA ASP A 70 -0.01 -13.80 25.22
C ASP A 70 0.57 -14.03 26.60
N ASN A 71 1.73 -14.68 26.67
CA ASN A 71 2.37 -14.92 27.94
C ASN A 71 3.61 -14.04 28.08
N GLY A 72 3.50 -12.80 27.60
CA GLY A 72 4.59 -11.85 27.67
C GLY A 72 4.58 -11.12 29.01
N ARG A 73 5.29 -10.00 29.08
CA ARG A 73 5.40 -9.24 30.34
C ARG A 73 4.10 -8.68 30.92
N GLY A 74 3.11 -8.44 30.08
CA GLY A 74 1.86 -7.89 30.58
C GLY A 74 1.95 -6.38 30.53
N ILE A 75 1.00 -5.74 29.86
CA ILE A 75 1.01 -4.29 29.76
C ILE A 75 1.08 -3.71 31.17
N PRO A 76 2.08 -2.85 31.43
CA PRO A 76 2.24 -2.23 32.75
C PRO A 76 0.95 -1.58 33.24
N VAL A 77 0.77 -1.55 34.56
CA VAL A 77 -0.41 -0.97 35.16
C VAL A 77 -0.13 0.18 36.12
N ASP A 78 1.16 0.49 36.34
CA ASP A 78 1.52 1.59 37.23
C ASP A 78 1.06 2.91 36.63
N LEU A 79 0.89 3.92 37.49
CA LEU A 79 0.43 5.22 37.04
C LEU A 79 1.42 6.06 36.25
N MET A 80 0.92 6.69 35.19
CA MET A 80 1.72 7.58 34.38
C MET A 80 1.42 8.93 35.01
N PRO A 81 2.35 9.44 35.84
CA PRO A 81 2.18 10.72 36.53
C PRO A 81 1.66 11.86 35.66
N GLU A 82 2.20 11.96 34.45
CA GLU A 82 1.81 13.02 33.51
C GLU A 82 0.33 13.00 33.14
N GLU A 83 -0.31 11.83 33.21
CA GLU A 83 -1.73 11.72 32.87
C GLU A 83 -2.64 11.31 34.03
N GLY A 84 -2.06 10.82 35.12
CA GLY A 84 -2.86 10.42 36.26
C GLY A 84 -3.73 9.20 36.00
N LYS A 85 -3.22 8.28 35.19
CA LYS A 85 -3.95 7.06 34.86
C LYS A 85 -2.98 5.91 34.70
N PRO A 86 -3.43 4.68 34.97
CA PRO A 86 -2.49 3.57 34.80
C PRO A 86 -2.09 3.48 33.32
N ALA A 87 -0.87 3.01 33.08
CA ALA A 87 -0.32 2.89 31.73
C ALA A 87 -1.24 2.15 30.74
N VAL A 88 -1.85 1.06 31.17
CA VAL A 88 -2.75 0.29 30.32
C VAL A 88 -3.87 1.17 29.78
N GLU A 89 -4.45 1.96 30.66
CA GLU A 89 -5.55 2.85 30.28
C GLU A 89 -5.09 3.80 29.17
N VAL A 90 -3.97 4.47 29.41
CA VAL A 90 -3.40 5.41 28.44
C VAL A 90 -3.19 4.76 27.07
N ILE A 91 -2.51 3.62 27.04
CA ILE A 91 -2.25 2.95 25.78
C ILE A 91 -3.52 2.63 24.99
N TYR A 92 -4.58 2.23 25.67
CA TYR A 92 -5.83 1.92 25.01
C TYR A 92 -6.78 3.09 24.73
N ASN A 93 -6.59 4.24 25.38
CA ASN A 93 -7.51 5.34 25.15
C ASN A 93 -6.92 6.61 24.52
N THR A 94 -5.62 6.65 24.26
CA THR A 94 -5.07 7.84 23.63
C THR A 94 -4.68 7.45 22.21
N LEU A 95 -4.98 8.34 21.28
CA LEU A 95 -4.67 8.11 19.88
C LEU A 95 -3.20 7.78 19.64
N HIS A 96 -2.31 8.55 20.24
CA HIS A 96 -0.88 8.33 20.02
C HIS A 96 0.01 8.47 21.25
N SER A 97 0.51 7.35 21.75
CA SER A 97 1.42 7.36 22.88
C SER A 97 2.69 6.72 22.34
N GLY A 98 3.83 7.08 22.92
CA GLY A 98 5.09 6.53 22.46
C GLY A 98 6.19 6.81 23.45
N GLY A 99 7.44 6.59 23.03
CA GLY A 99 8.56 6.82 23.91
C GLY A 99 9.67 5.81 23.69
N LYS A 100 10.55 5.71 24.68
CA LYS A 100 11.68 4.78 24.62
C LYS A 100 11.31 3.31 24.42
N PHE A 101 10.13 2.90 24.89
CA PHE A 101 9.72 1.50 24.74
C PHE A 101 9.64 1.04 23.29
N GLU A 102 9.52 1.98 22.36
CA GLU A 102 9.44 1.66 20.93
C GLU A 102 10.79 1.16 20.42
N GLN A 103 11.87 1.51 21.11
CA GLN A 103 13.22 1.11 20.72
C GLN A 103 13.78 -0.12 21.42
N GLY A 104 13.00 -0.68 22.35
CA GLY A 104 13.46 -1.87 23.06
C GLY A 104 13.97 -3.00 22.16
N ALA A 105 13.28 -3.25 21.06
CA ALA A 105 13.66 -4.33 20.16
C ALA A 105 12.86 -4.31 18.85
N TYR A 106 13.03 -5.33 18.03
CA TYR A 106 12.30 -5.42 16.76
C TYR A 106 10.80 -5.37 17.02
N LYS A 107 10.11 -4.71 16.11
CA LYS A 107 8.66 -4.56 16.21
C LYS A 107 8.00 -4.88 14.88
N VAL A 108 6.74 -5.25 14.94
CA VAL A 108 5.97 -5.55 13.74
C VAL A 108 5.68 -4.17 13.15
N SER A 109 5.95 -3.99 11.86
CA SER A 109 5.71 -2.69 11.26
C SER A 109 4.30 -2.56 10.66
N GLY A 110 4.01 -1.38 10.14
CA GLY A 110 2.73 -1.11 9.50
C GLY A 110 1.46 -1.51 10.22
N GLY A 111 1.31 -1.11 11.47
CA GLY A 111 0.09 -1.45 12.17
C GLY A 111 -0.90 -0.32 12.05
N LEU A 112 -1.71 -0.14 13.08
CA LEU A 112 -2.67 0.95 13.09
C LEU A 112 -2.00 2.11 13.83
N HIS A 113 -2.51 3.32 13.60
CA HIS A 113 -1.98 4.54 14.21
C HIS A 113 -1.37 4.31 15.59
N GLY A 114 -0.12 4.75 15.76
CA GLY A 114 0.58 4.63 17.03
C GLY A 114 0.73 3.20 17.53
N VAL A 115 0.34 2.98 18.78
CA VAL A 115 0.41 1.66 19.39
C VAL A 115 -0.60 0.73 18.72
N GLY A 116 -1.65 1.30 18.12
CA GLY A 116 -2.66 0.53 17.43
C GLY A 116 -3.82 0.04 18.28
N ALA A 117 -3.54 -0.31 19.54
CA ALA A 117 -4.59 -0.81 20.42
C ALA A 117 -5.73 0.18 20.62
N SER A 118 -5.44 1.47 20.73
CA SER A 118 -6.49 2.46 20.96
C SER A 118 -7.44 2.61 19.76
N VAL A 119 -6.93 2.40 18.54
CA VAL A 119 -7.80 2.46 17.36
C VAL A 119 -8.78 1.28 17.43
N VAL A 120 -8.30 0.11 17.84
CA VAL A 120 -9.15 -1.07 17.95
C VAL A 120 -10.26 -0.80 18.95
N ASN A 121 -9.88 -0.26 20.11
CA ASN A 121 -10.82 0.08 21.17
C ASN A 121 -11.88 1.05 20.65
N ALA A 122 -11.45 2.14 20.01
CA ALA A 122 -12.38 3.11 19.46
C ALA A 122 -13.37 2.51 18.47
N LEU A 123 -12.94 1.50 17.71
CA LEU A 123 -13.79 0.86 16.71
C LEU A 123 -14.48 -0.43 17.21
N SER A 124 -14.58 -0.60 18.52
CA SER A 124 -15.22 -1.79 19.10
C SER A 124 -16.29 -1.37 20.10
N GLU A 125 -17.46 -2.04 20.06
CA GLU A 125 -18.51 -1.69 21.01
C GLU A 125 -18.04 -1.96 22.43
N TRP A 126 -17.11 -2.89 22.59
CA TRP A 126 -16.54 -3.15 23.91
C TRP A 126 -15.21 -3.88 23.82
N THR A 127 -14.36 -3.65 24.81
CA THR A 127 -13.04 -4.26 24.87
C THR A 127 -12.67 -4.50 26.32
N VAL A 128 -12.20 -5.69 26.62
CA VAL A 128 -11.77 -6.01 27.98
C VAL A 128 -10.29 -6.36 27.92
N VAL A 129 -9.50 -5.70 28.75
CA VAL A 129 -8.06 -5.96 28.80
C VAL A 129 -7.72 -6.49 30.18
N GLU A 130 -7.12 -7.68 30.21
CA GLU A 130 -6.71 -8.32 31.45
C GLU A 130 -5.20 -8.41 31.45
N VAL A 131 -4.60 -8.01 32.56
CA VAL A 131 -3.16 -8.04 32.68
C VAL A 131 -2.71 -8.85 33.90
N PHE A 132 -1.87 -9.84 33.66
CA PHE A 132 -1.31 -10.66 34.72
C PHE A 132 0.10 -10.14 34.90
N ARG A 133 0.33 -9.45 36.00
CA ARG A 133 1.64 -8.87 36.21
C ARG A 133 1.88 -8.67 37.70
N GLU A 134 3.14 -8.87 38.11
CA GLU A 134 3.55 -8.72 39.51
C GLU A 134 2.64 -9.49 40.46
N GLY A 135 2.38 -10.75 40.12
CA GLY A 135 1.55 -11.61 40.95
C GLY A 135 0.06 -11.35 40.97
N LYS A 136 -0.40 -10.32 40.26
CA LYS A 136 -1.83 -9.99 40.25
C LYS A 136 -2.51 -10.05 38.88
N HIS A 137 -3.83 -10.24 38.94
CA HIS A 137 -4.67 -10.30 37.76
C HIS A 137 -5.44 -8.97 37.72
N HIS A 138 -5.09 -8.10 36.78
CA HIS A 138 -5.76 -6.80 36.64
C HIS A 138 -6.80 -6.83 35.53
N ARG A 139 -7.79 -5.96 35.63
CA ARG A 139 -8.86 -5.91 34.64
C ARG A 139 -9.35 -4.47 34.43
N ILE A 140 -9.60 -4.12 33.17
CA ILE A 140 -10.10 -2.80 32.81
C ILE A 140 -10.94 -2.97 31.55
N ALA A 141 -12.11 -2.33 31.51
CA ALA A 141 -13.00 -2.46 30.36
C ALA A 141 -13.26 -1.14 29.67
N PHE A 142 -13.44 -1.22 28.34
CA PHE A 142 -13.68 -0.04 27.52
C PHE A 142 -14.87 -0.24 26.59
N SER A 143 -15.31 0.86 25.99
CA SER A 143 -16.41 0.84 25.03
C SER A 143 -16.22 2.03 24.10
N ARG A 144 -16.09 1.73 22.81
CA ARG A 144 -15.92 2.76 21.80
C ARG A 144 -14.89 3.84 22.18
N GLY A 145 -13.70 3.43 22.61
CA GLY A 145 -12.66 4.38 22.96
C GLY A 145 -12.63 4.95 24.37
N GLU A 146 -13.61 4.59 25.19
CA GLU A 146 -13.66 5.12 26.56
C GLU A 146 -13.83 4.08 27.66
N VAL A 147 -13.24 4.39 28.81
CA VAL A 147 -13.28 3.52 29.98
C VAL A 147 -14.69 3.37 30.51
N THR A 148 -15.11 2.12 30.74
CA THR A 148 -16.41 1.84 31.29
C THR A 148 -16.21 1.27 32.69
N GLU A 149 -15.16 0.48 32.86
CA GLU A 149 -14.81 -0.12 34.15
C GLU A 149 -13.33 0.15 34.39
N PRO A 150 -13.02 1.07 35.30
CA PRO A 150 -11.59 1.37 35.55
C PRO A 150 -10.79 0.19 36.09
N LEU A 151 -9.48 0.26 35.88
CA LEU A 151 -8.57 -0.79 36.30
C LEU A 151 -8.70 -1.17 37.77
N ARG A 152 -8.72 -2.47 38.03
CA ARG A 152 -8.81 -2.96 39.39
C ARG A 152 -8.27 -4.39 39.44
N VAL A 153 -7.75 -4.78 40.60
CA VAL A 153 -7.23 -6.13 40.81
C VAL A 153 -8.41 -7.05 41.10
N VAL A 154 -8.55 -8.10 40.31
CA VAL A 154 -9.65 -9.04 40.51
C VAL A 154 -9.22 -10.38 41.09
N GLY A 155 -7.98 -10.45 41.57
CA GLY A 155 -7.48 -11.69 42.13
C GLY A 155 -5.99 -11.86 41.89
N GLU A 156 -5.48 -13.06 42.18
CA GLU A 156 -4.06 -13.36 41.99
C GLU A 156 -3.83 -13.88 40.59
N ALA A 157 -2.59 -13.75 40.13
CA ALA A 157 -2.22 -14.26 38.82
C ALA A 157 -2.07 -15.76 39.02
N PRO A 158 -2.88 -16.56 38.30
CA PRO A 158 -2.78 -18.02 38.45
C PRO A 158 -1.39 -18.58 38.14
N ARG A 159 -0.80 -19.24 39.13
CA ARG A 159 0.53 -19.83 39.01
C ARG A 159 1.58 -18.76 38.71
N GLY A 160 1.33 -17.55 39.18
CA GLY A 160 2.24 -16.44 38.98
C GLY A 160 2.53 -16.05 37.54
N LYS A 161 1.65 -16.40 36.62
CA LYS A 161 1.88 -16.07 35.23
C LYS A 161 1.84 -14.57 34.98
N THR A 162 2.41 -14.16 33.86
CA THR A 162 2.41 -12.77 33.45
C THR A 162 2.00 -12.75 31.98
N GLY A 163 1.31 -11.69 31.57
CA GLY A 163 0.88 -11.62 30.19
C GLY A 163 -0.36 -10.77 30.05
N THR A 164 -0.80 -10.59 28.81
CA THR A 164 -1.96 -9.79 28.52
C THR A 164 -3.01 -10.59 27.74
N ARG A 165 -4.26 -10.41 28.13
CA ARG A 165 -5.37 -11.08 27.48
C ARG A 165 -6.36 -9.98 27.10
N VAL A 166 -6.54 -9.80 25.80
CA VAL A 166 -7.44 -8.77 25.26
C VAL A 166 -8.67 -9.42 24.60
N THR A 167 -9.85 -8.98 24.99
CA THR A 167 -11.07 -9.52 24.40
C THR A 167 -11.82 -8.32 23.83
N PHE A 168 -12.17 -8.37 22.56
CA PHE A 168 -12.87 -7.23 21.97
C PHE A 168 -13.86 -7.64 20.88
N LYS A 169 -14.84 -6.77 20.67
CA LYS A 169 -15.86 -7.00 19.66
C LYS A 169 -15.97 -5.78 18.78
N PRO A 170 -15.66 -5.92 17.48
CA PRO A 170 -15.75 -4.78 16.56
C PRO A 170 -17.15 -4.18 16.64
N ASP A 171 -17.21 -2.86 16.62
CA ASP A 171 -18.47 -2.13 16.73
C ASP A 171 -19.44 -2.37 15.58
N PRO A 172 -20.60 -2.98 15.87
CA PRO A 172 -21.61 -3.26 14.86
C PRO A 172 -22.09 -1.97 14.17
N GLU A 173 -22.06 -0.86 14.88
CA GLU A 173 -22.47 0.42 14.29
C GLU A 173 -21.54 0.81 13.18
N ILE A 174 -20.34 0.22 13.17
CA ILE A 174 -19.34 0.51 12.15
C ILE A 174 -19.34 -0.56 11.06
N PHE A 175 -19.32 -1.83 11.46
CA PHE A 175 -19.23 -2.92 10.49
C PHE A 175 -20.52 -3.69 10.15
N GLY A 176 -21.63 -3.36 10.80
CA GLY A 176 -22.86 -4.05 10.51
C GLY A 176 -22.81 -5.45 11.11
N ASN A 177 -23.33 -6.44 10.40
CA ASN A 177 -23.34 -7.81 10.92
C ASN A 177 -22.08 -8.67 10.68
N LEU A 178 -21.00 -8.06 10.22
CA LEU A 178 -19.76 -8.77 9.94
C LEU A 178 -19.21 -9.57 11.13
N ARG A 179 -18.56 -10.68 10.84
CA ARG A 179 -17.97 -11.52 11.87
C ARG A 179 -16.62 -12.08 11.42
N PHE A 180 -15.72 -12.27 12.37
CA PHE A 180 -14.39 -12.79 12.07
C PHE A 180 -14.50 -14.08 11.27
N ASP A 181 -13.63 -14.20 10.27
CA ASP A 181 -13.57 -15.36 9.42
C ASP A 181 -12.40 -16.23 9.86
N PRO A 182 -12.68 -17.40 10.45
CA PRO A 182 -11.66 -18.33 10.92
C PRO A 182 -10.51 -18.56 9.94
N SER A 183 -10.84 -18.62 8.64
CA SER A 183 -9.83 -18.85 7.60
C SER A 183 -8.83 -17.72 7.48
N LYS A 184 -9.29 -16.47 7.61
CA LYS A 184 -8.40 -15.33 7.54
C LYS A 184 -7.51 -15.34 8.77
N ILE A 185 -8.07 -15.74 9.90
CA ILE A 185 -7.30 -15.79 11.13
C ILE A 185 -6.23 -16.88 11.04
N ARG A 186 -6.62 -18.10 10.67
CA ARG A 186 -5.66 -19.19 10.55
C ARG A 186 -4.55 -18.82 9.56
N ALA A 187 -4.91 -18.17 8.46
CA ALA A 187 -3.93 -17.77 7.46
C ALA A 187 -2.85 -16.86 8.05
N ARG A 188 -3.24 -15.88 8.86
CA ARG A 188 -2.26 -14.97 9.46
C ARG A 188 -1.46 -15.67 10.55
N LEU A 189 -2.13 -16.52 11.33
CA LEU A 189 -1.47 -17.26 12.39
C LEU A 189 -0.41 -18.19 11.80
N ARG A 190 -0.72 -18.80 10.67
CA ARG A 190 0.20 -19.70 9.99
C ARG A 190 1.44 -18.90 9.55
N GLU A 191 1.17 -17.76 8.91
CA GLU A 191 2.21 -16.87 8.43
C GLU A 191 3.15 -16.46 9.56
N VAL A 192 2.56 -16.01 10.67
CA VAL A 192 3.36 -15.58 11.81
C VAL A 192 4.18 -16.73 12.40
N ALA A 193 3.60 -17.92 12.48
CA ALA A 193 4.32 -19.07 13.02
C ALA A 193 5.64 -19.26 12.27
N TYR A 194 5.59 -19.12 10.95
CA TYR A 194 6.76 -19.25 10.07
C TYR A 194 7.76 -18.09 10.25
N LEU A 195 7.25 -16.87 10.36
CA LEU A 195 8.10 -15.69 10.48
C LEU A 195 8.81 -15.55 11.81
N VAL A 196 8.30 -16.20 12.85
CA VAL A 196 8.91 -16.18 14.18
C VAL A 196 9.03 -17.64 14.60
N ALA A 197 9.95 -18.37 13.98
CA ALA A 197 10.14 -19.79 14.27
C ALA A 197 10.22 -20.06 15.76
N GLY A 198 9.43 -21.04 16.23
CA GLY A 198 9.42 -21.36 17.64
C GLY A 198 8.22 -20.76 18.36
N LEU A 199 7.70 -19.65 17.84
CA LEU A 199 6.54 -19.02 18.46
C LEU A 199 5.37 -19.98 18.27
N LYS A 200 4.64 -20.23 19.36
CA LYS A 200 3.49 -21.11 19.30
C LYS A 200 2.21 -20.29 19.34
N LEU A 201 1.35 -20.48 18.35
CA LEU A 201 0.08 -19.77 18.27
C LEU A 201 -1.06 -20.78 18.18
N VAL A 202 -2.05 -20.62 19.04
CA VAL A 202 -3.18 -21.53 19.06
C VAL A 202 -4.46 -20.83 18.71
N PHE A 203 -5.23 -21.42 17.79
CA PHE A 203 -6.49 -20.86 17.42
C PHE A 203 -7.61 -21.77 17.92
N GLN A 204 -8.54 -21.18 18.66
CA GLN A 204 -9.68 -21.91 19.19
C GLN A 204 -10.92 -21.24 18.60
N ASP A 205 -11.62 -21.97 17.75
CA ASP A 205 -12.83 -21.45 17.11
C ASP A 205 -14.05 -22.04 17.83
N ARG A 206 -14.31 -21.53 19.02
CA ARG A 206 -15.43 -21.98 19.84
C ARG A 206 -16.77 -22.11 19.10
N GLN A 207 -17.04 -21.20 18.16
CA GLN A 207 -18.28 -21.25 17.40
C GLN A 207 -18.45 -22.57 16.62
N HIS A 208 -17.33 -23.21 16.30
CA HIS A 208 -17.35 -24.49 15.59
C HIS A 208 -16.68 -25.58 16.44
N GLY A 209 -16.39 -25.26 17.70
CA GLY A 209 -15.73 -26.21 18.58
C GLY A 209 -14.43 -26.74 17.99
N LYS A 210 -13.63 -25.85 17.42
CA LYS A 210 -12.35 -26.24 16.82
C LYS A 210 -11.11 -25.78 17.58
N GLU A 211 -10.00 -26.44 17.27
CA GLU A 211 -8.71 -26.18 17.90
C GLU A 211 -7.65 -26.34 16.80
N GLU A 212 -6.49 -25.72 16.99
CA GLU A 212 -5.42 -25.82 15.98
C GLU A 212 -4.13 -25.13 16.44
N VAL A 213 -3.01 -25.85 16.31
CA VAL A 213 -1.70 -25.34 16.71
C VAL A 213 -0.83 -24.92 15.52
N PHE A 214 -0.21 -23.75 15.64
CA PHE A 214 0.67 -23.20 14.62
C PHE A 214 2.02 -22.99 15.29
N LEU A 215 3.00 -23.79 14.87
CA LEU A 215 4.33 -23.74 15.43
C LEU A 215 5.25 -24.46 14.46
N ASP A 216 6.42 -23.88 14.19
CA ASP A 216 7.35 -24.51 13.27
C ASP A 216 8.76 -23.99 13.47
N LYS A 217 9.61 -24.80 14.08
CA LYS A 217 10.98 -24.39 14.31
C LYS A 217 11.73 -24.20 13.00
N GLY A 218 11.22 -24.80 11.92
CA GLY A 218 11.84 -24.65 10.61
C GLY A 218 11.70 -23.26 10.04
N GLY A 219 10.80 -22.46 10.61
CA GLY A 219 10.58 -21.09 10.18
C GLY A 219 10.37 -20.84 8.70
N VAL A 220 11.13 -19.89 8.16
CA VAL A 220 11.03 -19.51 6.76
C VAL A 220 11.35 -20.64 5.78
N ALA A 221 12.16 -21.60 6.20
CA ALA A 221 12.50 -22.74 5.34
C ALA A 221 11.23 -23.56 5.12
N SER A 222 10.53 -23.87 6.20
CA SER A 222 9.27 -24.61 6.12
C SER A 222 8.27 -23.80 5.31
N PHE A 223 8.30 -22.48 5.46
CA PHE A 223 7.38 -21.61 4.74
C PHE A 223 7.59 -21.82 3.24
N ALA A 224 8.84 -21.86 2.79
CA ALA A 224 9.15 -22.08 1.38
C ALA A 224 8.60 -23.44 0.97
N LYS A 225 8.90 -24.47 1.76
CA LYS A 225 8.43 -25.82 1.50
C LYS A 225 6.90 -25.85 1.28
N ALA A 226 6.15 -25.39 2.28
CA ALA A 226 4.69 -25.35 2.20
C ALA A 226 4.18 -24.50 1.04
N LEU A 227 5.00 -23.56 0.60
CA LEU A 227 4.65 -22.69 -0.51
C LEU A 227 4.60 -23.53 -1.80
N ALA A 228 5.41 -24.59 -1.83
CA ALA A 228 5.48 -25.48 -2.97
C ALA A 228 4.69 -26.78 -2.78
N GLU A 229 3.77 -26.80 -1.81
CA GLU A 229 2.97 -28.00 -1.57
C GLU A 229 2.23 -28.37 -2.85
N GLY A 230 2.24 -29.66 -3.18
CA GLY A 230 1.56 -30.11 -4.37
C GLY A 230 2.50 -30.51 -5.50
N GLU A 231 3.66 -29.88 -5.57
CA GLU A 231 4.62 -30.20 -6.62
C GLU A 231 5.76 -31.07 -6.12
N ASP A 232 6.31 -31.88 -7.02
CA ASP A 232 7.41 -32.76 -6.71
C ASP A 232 8.68 -31.92 -6.56
N LEU A 233 9.33 -32.06 -5.41
CA LEU A 233 10.53 -31.28 -5.13
C LEU A 233 11.77 -31.87 -5.78
N LEU A 234 12.80 -31.03 -5.93
CA LEU A 234 14.08 -31.44 -6.50
C LEU A 234 14.91 -32.04 -5.35
N TYR A 235 14.45 -31.77 -4.13
CA TYR A 235 15.04 -32.24 -2.88
C TYR A 235 14.00 -31.81 -1.84
N GLU A 236 13.67 -32.69 -0.90
CA GLU A 236 12.64 -32.35 0.09
C GLU A 236 13.10 -31.70 1.39
N LYS A 237 14.36 -31.29 1.44
CA LYS A 237 14.89 -30.63 2.63
C LYS A 237 15.19 -29.18 2.23
N PRO A 238 14.40 -28.23 2.76
CA PRO A 238 14.55 -26.80 2.49
C PRO A 238 15.82 -26.21 3.09
N PHE A 239 16.45 -25.28 2.38
CA PHE A 239 17.66 -24.65 2.88
C PHE A 239 17.30 -23.45 3.74
N LEU A 240 18.09 -23.22 4.77
CA LEU A 240 17.86 -22.11 5.69
C LEU A 240 19.10 -21.27 5.89
N ILE A 241 19.00 -20.01 5.47
CA ILE A 241 20.09 -19.07 5.61
C ILE A 241 19.64 -18.04 6.63
N ARG A 242 20.45 -17.85 7.66
CA ARG A 242 20.16 -16.91 8.73
C ARG A 242 21.42 -16.15 9.09
N GLY A 243 21.27 -14.88 9.42
CA GLY A 243 22.42 -14.09 9.78
C GLY A 243 22.06 -12.68 10.14
N THR A 244 22.95 -12.01 10.86
CA THR A 244 22.74 -10.64 11.28
C THR A 244 23.89 -9.78 10.75
N HIS A 245 23.54 -8.71 10.05
CA HIS A 245 24.52 -7.79 9.50
C HIS A 245 24.06 -6.40 9.91
N GLY A 246 24.83 -5.77 10.80
CA GLY A 246 24.46 -4.46 11.29
C GLY A 246 23.28 -4.62 12.23
N GLU A 247 22.28 -3.76 12.07
CA GLU A 247 21.08 -3.81 12.90
C GLU A 247 20.01 -4.69 12.25
N VAL A 248 20.34 -5.30 11.12
CA VAL A 248 19.39 -6.11 10.37
C VAL A 248 19.51 -7.62 10.49
N GLU A 249 18.45 -8.24 10.99
CA GLU A 249 18.43 -9.69 11.13
C GLU A 249 17.75 -10.26 9.87
N VAL A 250 18.44 -11.16 9.18
CA VAL A 250 17.88 -11.75 7.96
C VAL A 250 17.69 -13.28 8.05
N GLU A 251 16.59 -13.74 7.46
CA GLU A 251 16.25 -15.16 7.42
C GLU A 251 15.65 -15.46 6.06
N VAL A 252 16.31 -16.34 5.32
CA VAL A 252 15.83 -16.73 4.00
C VAL A 252 15.72 -18.24 3.89
N GLY A 253 14.60 -18.69 3.36
CA GLY A 253 14.38 -20.11 3.18
C GLY A 253 14.05 -20.35 1.72
N PHE A 254 14.52 -21.45 1.16
CA PHE A 254 14.22 -21.72 -0.23
C PHE A 254 14.32 -23.20 -0.57
N LEU A 255 13.56 -23.60 -1.58
CA LEU A 255 13.51 -24.97 -2.03
C LEU A 255 13.32 -24.93 -3.55
N HIS A 256 13.58 -26.05 -4.22
CA HIS A 256 13.39 -26.11 -5.66
C HIS A 256 12.46 -27.24 -6.01
N THR A 257 11.66 -27.05 -7.05
CA THR A 257 10.73 -28.06 -7.51
C THR A 257 11.16 -28.50 -8.89
N GLN A 258 10.64 -29.64 -9.34
CA GLN A 258 10.93 -30.15 -10.66
C GLN A 258 9.98 -29.45 -11.66
N GLY A 259 9.03 -28.71 -11.10
CA GLY A 259 8.07 -27.97 -11.90
C GLY A 259 8.64 -26.73 -12.56
N TYR A 260 7.76 -25.89 -13.10
CA TYR A 260 8.19 -24.69 -13.81
C TYR A 260 7.65 -23.40 -13.19
N ASN A 261 6.73 -23.53 -12.23
CA ASN A 261 6.16 -22.36 -11.57
C ASN A 261 7.07 -21.89 -10.44
N ALA A 262 6.92 -20.64 -10.04
CA ALA A 262 7.74 -20.07 -8.97
C ALA A 262 6.94 -19.14 -8.05
N GLU A 263 7.49 -18.90 -6.86
CA GLU A 263 6.86 -18.02 -5.88
C GLU A 263 7.90 -17.49 -4.89
N ILE A 264 8.04 -16.18 -4.83
CA ILE A 264 8.98 -15.58 -3.90
C ILE A 264 8.27 -14.53 -3.05
N LEU A 265 8.22 -14.79 -1.75
CA LEU A 265 7.57 -13.88 -0.82
C LEU A 265 8.63 -13.14 -0.02
N THR A 266 8.40 -11.86 0.25
CA THR A 266 9.36 -11.10 1.05
C THR A 266 8.62 -10.44 2.21
N TYR A 267 9.32 -10.23 3.31
CA TYR A 267 8.73 -9.61 4.48
C TYR A 267 9.72 -8.69 5.19
N ALA A 268 9.18 -7.60 5.74
CA ALA A 268 9.96 -6.62 6.48
C ALA A 268 9.19 -6.42 7.78
N ASN A 269 9.84 -6.69 8.90
CA ASN A 269 9.22 -6.55 10.21
C ASN A 269 7.82 -7.19 10.30
N MET A 270 7.74 -8.45 9.90
CA MET A 270 6.49 -9.22 9.97
C MET A 270 5.39 -8.89 8.99
N ILE A 271 5.57 -7.88 8.15
CA ILE A 271 4.53 -7.56 7.19
C ILE A 271 5.01 -7.79 5.75
N PRO A 272 4.14 -8.37 4.92
CA PRO A 272 4.45 -8.66 3.51
C PRO A 272 4.70 -7.42 2.69
N THR A 273 5.76 -7.46 1.90
CA THR A 273 6.12 -6.36 1.02
C THR A 273 5.93 -6.86 -0.42
N ARG A 274 4.66 -6.90 -0.84
CA ARG A 274 4.29 -7.36 -2.17
C ARG A 274 5.05 -6.71 -3.32
N ASP A 275 5.51 -5.48 -3.11
CA ASP A 275 6.26 -4.75 -4.12
C ASP A 275 7.77 -4.84 -3.94
N GLY A 276 8.23 -5.88 -3.24
CA GLY A 276 9.66 -6.05 -3.05
C GLY A 276 10.40 -4.96 -2.29
N GLY A 277 11.55 -4.57 -2.83
CA GLY A 277 12.37 -3.55 -2.20
C GLY A 277 13.83 -3.94 -2.16
N THR A 278 14.61 -3.26 -1.32
CA THR A 278 16.03 -3.53 -1.20
C THR A 278 16.36 -4.97 -0.79
N HIS A 279 15.54 -5.56 0.06
CA HIS A 279 15.79 -6.93 0.49
C HIS A 279 15.61 -7.94 -0.65
N LEU A 280 14.57 -7.75 -1.46
CA LEU A 280 14.30 -8.65 -2.58
C LEU A 280 15.38 -8.53 -3.65
N THR A 281 15.58 -7.30 -4.12
CA THR A 281 16.59 -7.04 -5.12
C THR A 281 17.89 -7.68 -4.65
N ALA A 282 18.32 -7.35 -3.44
CA ALA A 282 19.56 -7.92 -2.91
C ALA A 282 19.52 -9.46 -2.90
N PHE A 283 18.36 -10.05 -2.61
CA PHE A 283 18.27 -11.50 -2.61
C PHE A 283 18.62 -12.10 -3.96
N LYS A 284 17.92 -11.66 -5.01
CA LYS A 284 18.18 -12.21 -6.32
C LYS A 284 19.58 -11.95 -6.83
N SER A 285 20.16 -10.81 -6.46
CA SER A 285 21.51 -10.50 -6.89
C SER A 285 22.51 -11.42 -6.18
N ALA A 286 22.34 -11.60 -4.88
CA ALA A 286 23.22 -12.45 -4.08
C ALA A 286 23.09 -13.91 -4.51
N TYR A 287 21.85 -14.34 -4.74
CA TYR A 287 21.58 -15.71 -5.17
C TYR A 287 22.20 -15.93 -6.54
N SER A 288 21.91 -15.00 -7.47
CA SER A 288 22.42 -15.07 -8.83
C SER A 288 23.94 -15.04 -8.93
N ARG A 289 24.58 -14.28 -8.06
CA ARG A 289 26.03 -14.18 -8.07
C ARG A 289 26.66 -15.43 -7.48
N ALA A 290 26.08 -15.93 -6.40
CA ALA A 290 26.60 -17.13 -5.75
C ALA A 290 26.40 -18.34 -6.65
N LEU A 291 25.27 -18.39 -7.35
CA LEU A 291 24.97 -19.50 -8.25
C LEU A 291 25.87 -19.53 -9.47
N ASN A 292 25.99 -18.40 -10.15
CA ASN A 292 26.83 -18.34 -11.34
C ASN A 292 28.32 -18.50 -11.04
N GLN A 293 28.76 -18.03 -9.89
CA GLN A 293 30.16 -18.17 -9.52
C GLN A 293 30.47 -19.63 -9.19
N TYR A 294 29.62 -20.26 -8.39
CA TYR A 294 29.81 -21.66 -8.04
C TYR A 294 29.92 -22.47 -9.32
N ALA A 295 28.98 -22.27 -10.23
CA ALA A 295 28.96 -22.99 -11.50
C ALA A 295 30.31 -22.90 -12.21
N LYS A 296 30.82 -21.69 -12.38
CA LYS A 296 32.12 -21.52 -13.04
C LYS A 296 33.20 -22.27 -12.28
N LYS A 297 33.28 -22.04 -10.97
CA LYS A 297 34.27 -22.69 -10.11
C LYS A 297 34.26 -24.20 -10.27
N ALA A 298 33.08 -24.81 -10.12
CA ALA A 298 32.92 -26.26 -10.22
C ALA A 298 32.80 -26.76 -11.67
N GLY A 299 33.00 -25.86 -12.63
CA GLY A 299 32.91 -26.24 -14.03
C GLY A 299 31.57 -26.86 -14.37
N LEU A 300 30.58 -26.01 -14.59
CA LEU A 300 29.24 -26.45 -14.94
C LEU A 300 28.69 -25.61 -16.09
N ASN A 301 29.31 -24.45 -16.31
CA ASN A 301 28.88 -23.55 -17.38
C ASN A 301 29.34 -24.05 -18.75
N LYS A 302 28.56 -24.96 -19.31
CA LYS A 302 28.87 -25.52 -20.62
C LYS A 302 28.93 -24.38 -21.63
N GLU A 303 29.36 -24.68 -22.84
CA GLU A 303 29.46 -23.64 -23.88
C GLU A 303 28.59 -23.96 -25.09
N LYS A 304 28.11 -25.19 -25.15
CA LYS A 304 27.30 -25.66 -26.28
C LYS A 304 25.83 -25.18 -26.24
N GLY A 305 25.52 -24.16 -25.43
CA GLY A 305 24.14 -23.69 -25.37
C GLY A 305 23.92 -22.28 -24.84
N PRO A 306 22.65 -21.91 -24.61
CA PRO A 306 22.23 -20.60 -24.11
C PRO A 306 22.86 -20.19 -22.78
N GLN A 307 22.80 -18.90 -22.49
CA GLN A 307 23.35 -18.32 -21.27
C GLN A 307 22.24 -18.04 -20.25
N PRO A 308 22.31 -18.69 -19.07
CA PRO A 308 21.32 -18.51 -18.00
C PRO A 308 21.23 -17.07 -17.50
N THR A 309 20.01 -16.53 -17.48
CA THR A 309 19.79 -15.16 -17.03
C THR A 309 18.71 -15.12 -15.96
N GLY A 310 18.37 -13.91 -15.51
CA GLY A 310 17.33 -13.77 -14.51
C GLY A 310 16.07 -14.36 -15.11
N ASP A 311 15.12 -14.73 -14.26
CA ASP A 311 13.87 -15.35 -14.71
C ASP A 311 14.13 -16.79 -15.16
N ASP A 312 15.39 -17.18 -15.21
CA ASP A 312 15.59 -18.54 -15.88
C ASP A 312 15.90 -19.27 -14.59
N LEU A 313 16.81 -18.72 -13.79
CA LEU A 313 17.18 -19.34 -12.53
C LEU A 313 16.13 -19.18 -11.42
N LEU A 314 15.01 -18.55 -11.74
CA LEU A 314 13.95 -18.40 -10.74
C LEU A 314 12.74 -19.27 -11.12
N GLU A 315 12.97 -20.26 -11.96
CA GLU A 315 11.91 -21.16 -12.39
C GLU A 315 11.96 -22.36 -11.47
N GLY A 316 10.82 -22.69 -10.86
CA GLY A 316 10.77 -23.81 -9.94
C GLY A 316 11.49 -23.50 -8.64
N LEU A 317 11.67 -22.21 -8.35
CA LEU A 317 12.34 -21.77 -7.13
C LEU A 317 11.31 -21.17 -6.18
N TYR A 318 11.19 -21.73 -5.00
CA TYR A 318 10.25 -21.23 -4.01
C TYR A 318 11.06 -20.74 -2.82
N ALA A 319 10.92 -19.47 -2.50
CA ALA A 319 11.67 -18.89 -1.40
C ALA A 319 10.92 -17.80 -0.65
N VAL A 320 11.38 -17.53 0.56
CA VAL A 320 10.80 -16.50 1.41
C VAL A 320 11.98 -15.74 1.99
N VAL A 321 11.99 -14.43 1.76
CA VAL A 321 13.04 -13.56 2.26
C VAL A 321 12.46 -12.67 3.35
N SER A 322 12.93 -12.84 4.59
CA SER A 322 12.41 -12.05 5.69
C SER A 322 13.46 -11.28 6.47
N VAL A 323 13.25 -9.97 6.59
CA VAL A 323 14.19 -9.14 7.34
C VAL A 323 13.50 -8.38 8.46
N LYS A 324 14.27 -8.09 9.50
CA LYS A 324 13.81 -7.32 10.64
C LYS A 324 14.88 -6.24 10.83
N LEU A 325 14.44 -4.99 10.97
CA LEU A 325 15.37 -3.89 11.13
C LEU A 325 14.67 -2.71 11.79
N PRO A 326 15.46 -1.81 12.40
CA PRO A 326 14.85 -0.65 13.05
C PRO A 326 14.60 0.42 11.98
N ASN A 327 13.67 1.32 12.26
CA ASN A 327 13.37 2.40 11.34
C ASN A 327 13.15 1.97 9.88
N PRO A 328 12.19 1.08 9.63
CA PRO A 328 11.97 0.67 8.24
C PRO A 328 11.45 1.87 7.45
N GLN A 329 11.82 1.92 6.18
CA GLN A 329 11.41 2.99 5.28
C GLN A 329 10.66 2.35 4.12
N PHE A 330 9.43 2.80 3.91
CA PHE A 330 8.61 2.27 2.82
C PHE A 330 8.23 3.45 1.94
N GLU A 331 7.71 3.18 0.76
CA GLU A 331 7.32 4.25 -0.15
C GLU A 331 5.95 4.81 0.27
N GLY A 332 5.87 5.27 1.50
CA GLY A 332 4.63 5.82 2.02
C GLY A 332 3.51 4.84 1.74
N GLN A 333 2.43 5.33 1.15
CA GLN A 333 1.29 4.52 0.77
C GLN A 333 0.72 3.67 1.92
N THR A 334 0.20 2.49 1.57
CA THR A 334 0.22 1.04 1.91
C THR A 334 1.50 0.18 1.89
N LYS A 335 2.60 0.76 2.37
CA LYS A 335 3.90 0.10 2.40
C LYS A 335 4.31 -0.31 0.98
N GLY A 336 5.02 -1.42 0.85
CA GLY A 336 4.50 -2.22 -0.55
C GLY A 336 5.97 -2.46 -0.86
N LYS A 337 6.79 -1.42 -0.78
CA LYS A 337 8.21 -1.55 -1.10
C LYS A 337 9.16 -1.06 -0.01
N LEU A 338 10.12 -1.90 0.36
CA LEU A 338 11.12 -1.57 1.38
C LEU A 338 12.24 -0.75 0.73
N LEU A 339 12.60 0.37 1.33
CA LEU A 339 13.63 1.24 0.75
C LEU A 339 14.98 1.34 1.46
N ASN A 340 15.08 0.79 2.67
CA ASN A 340 16.35 0.86 3.41
C ASN A 340 17.54 0.21 2.72
N PRO A 341 18.57 0.99 2.37
CA PRO A 341 19.75 0.41 1.73
C PRO A 341 20.49 -0.57 2.64
N GLU A 342 20.35 -0.43 3.96
CA GLU A 342 21.01 -1.34 4.89
C GLU A 342 20.43 -2.75 4.78
N ALA A 343 19.14 -2.85 4.43
CA ALA A 343 18.51 -4.16 4.27
C ALA A 343 19.15 -4.87 3.08
N GLY A 344 19.34 -4.12 2.00
CA GLY A 344 19.95 -4.68 0.81
C GLY A 344 21.34 -5.22 1.09
N THR A 345 22.16 -4.41 1.76
CA THR A 345 23.50 -4.84 2.09
C THR A 345 23.47 -6.02 3.07
N ALA A 346 22.44 -6.06 3.92
CA ALA A 346 22.30 -7.14 4.89
C ALA A 346 22.00 -8.46 4.18
N VAL A 347 20.93 -8.46 3.38
CA VAL A 347 20.55 -9.65 2.62
C VAL A 347 21.65 -10.10 1.67
N GLY A 348 22.28 -9.12 1.01
CA GLY A 348 23.34 -9.45 0.07
C GLY A 348 24.48 -10.16 0.78
N GLN A 349 25.08 -9.48 1.75
CA GLN A 349 26.19 -10.02 2.51
C GLN A 349 25.86 -11.42 3.05
N VAL A 350 24.82 -11.50 3.88
CA VAL A 350 24.40 -12.75 4.51
C VAL A 350 24.06 -13.89 3.55
N VAL A 351 23.29 -13.60 2.50
CA VAL A 351 22.88 -14.62 1.55
C VAL A 351 24.03 -15.11 0.67
N TYR A 352 24.70 -14.19 -0.03
CA TYR A 352 25.82 -14.54 -0.91
C TYR A 352 26.79 -15.53 -0.28
N GLU A 353 27.39 -15.14 0.84
CA GLU A 353 28.35 -15.97 1.55
C GLU A 353 27.78 -17.34 1.95
N ARG A 354 26.69 -17.33 2.70
CA ARG A 354 26.10 -18.59 3.14
C ARG A 354 25.75 -19.48 1.95
N LEU A 355 25.16 -18.90 0.91
CA LEU A 355 24.79 -19.67 -0.27
C LEU A 355 26.01 -20.35 -0.89
N LEU A 356 27.14 -19.64 -0.91
CA LEU A 356 28.37 -20.19 -1.44
C LEU A 356 28.74 -21.49 -0.74
N GLU A 357 28.54 -21.53 0.58
CA GLU A 357 28.84 -22.72 1.35
C GLU A 357 27.79 -23.82 1.14
N ILE A 358 26.55 -23.41 0.87
CA ILE A 358 25.46 -24.37 0.63
C ILE A 358 25.81 -25.20 -0.59
N LEU A 359 26.17 -24.53 -1.69
CA LEU A 359 26.51 -25.22 -2.92
C LEU A 359 27.68 -26.19 -2.71
N GLU A 360 28.74 -25.69 -2.08
CA GLU A 360 29.92 -26.52 -1.82
C GLU A 360 29.63 -27.72 -0.92
N GLU A 361 28.61 -27.59 -0.07
CA GLU A 361 28.21 -28.66 0.85
C GLU A 361 27.18 -29.59 0.22
N ASN A 362 26.60 -29.18 -0.90
CA ASN A 362 25.60 -29.98 -1.60
C ASN A 362 25.83 -29.91 -3.09
N PRO A 363 27.00 -30.39 -3.58
CA PRO A 363 27.30 -30.35 -5.02
C PRO A 363 26.26 -31.06 -5.87
N ARG A 364 25.62 -32.07 -5.29
CA ARG A 364 24.59 -32.83 -6.00
C ARG A 364 23.49 -31.87 -6.39
N ILE A 365 22.86 -31.29 -5.37
CA ILE A 365 21.77 -30.33 -5.56
C ILE A 365 22.27 -29.11 -6.32
N ALA A 366 23.47 -28.65 -5.96
CA ALA A 366 24.09 -27.49 -6.57
C ALA A 366 23.98 -27.51 -8.10
N LYS A 367 24.58 -28.52 -8.74
CA LYS A 367 24.53 -28.61 -10.20
C LYS A 367 23.15 -29.01 -10.70
N ALA A 368 22.36 -29.64 -9.84
CA ALA A 368 21.00 -30.01 -10.21
C ALA A 368 20.22 -28.71 -10.44
N VAL A 369 20.53 -27.70 -9.64
CA VAL A 369 19.88 -26.39 -9.74
C VAL A 369 20.34 -25.66 -10.99
N TYR A 370 21.65 -25.69 -11.25
CA TYR A 370 22.20 -25.02 -12.43
C TYR A 370 21.65 -25.61 -13.72
N GLU A 371 21.68 -26.93 -13.85
CA GLU A 371 21.16 -27.59 -15.05
C GLU A 371 19.70 -27.22 -15.26
N LYS A 372 18.95 -27.09 -14.16
CA LYS A 372 17.55 -26.72 -14.24
C LYS A 372 17.43 -25.32 -14.84
N ALA A 373 18.40 -24.47 -14.57
CA ALA A 373 18.42 -23.11 -15.10
C ALA A 373 18.76 -23.17 -16.59
N LEU A 374 19.55 -24.17 -16.97
CA LEU A 374 19.94 -24.38 -18.36
C LEU A 374 18.76 -24.82 -19.20
N ARG A 375 17.96 -25.73 -18.66
CA ARG A 375 16.77 -26.25 -19.35
C ARG A 375 15.81 -25.09 -19.56
N ALA A 376 15.65 -24.26 -18.54
CA ALA A 376 14.77 -23.10 -18.60
C ALA A 376 15.24 -22.11 -19.67
N ALA A 377 16.56 -22.00 -19.81
CA ALA A 377 17.15 -21.09 -20.80
C ALA A 377 16.78 -21.53 -22.21
N GLN A 378 17.03 -22.79 -22.53
CA GLN A 378 16.70 -23.30 -23.86
C GLN A 378 15.20 -23.25 -24.08
N ALA A 379 14.43 -23.71 -23.10
CA ALA A 379 12.97 -23.70 -23.20
C ALA A 379 12.46 -22.29 -23.52
N ARG A 380 13.08 -21.29 -22.88
CA ARG A 380 12.73 -19.90 -23.09
C ARG A 380 13.00 -19.47 -24.53
N GLU A 381 14.15 -19.88 -25.07
CA GLU A 381 14.52 -19.53 -26.43
C GLU A 381 13.79 -20.38 -27.48
N ALA A 382 13.28 -21.53 -27.05
CA ALA A 382 12.53 -22.41 -27.94
C ALA A 382 11.16 -21.77 -28.19
N ALA A 383 10.60 -21.19 -27.14
CA ALA A 383 9.30 -20.53 -27.24
C ALA A 383 9.45 -19.24 -28.05
N ARG A 384 10.61 -18.58 -27.93
CA ARG A 384 10.83 -17.36 -28.68
C ARG A 384 10.77 -17.71 -30.16
N LYS A 385 11.62 -18.64 -30.58
CA LYS A 385 11.67 -19.10 -31.96
C LYS A 385 10.28 -19.44 -32.47
N ALA A 386 9.54 -20.22 -31.69
CA ALA A 386 8.19 -20.63 -32.04
C ALA A 386 7.28 -19.44 -32.31
N ARG A 387 7.31 -18.45 -31.42
CA ARG A 387 6.48 -17.26 -31.56
C ARG A 387 6.89 -16.37 -32.72
N GLU A 388 8.19 -16.18 -32.92
CA GLU A 388 8.66 -15.34 -34.01
C GLU A 388 8.29 -15.99 -35.35
N LEU A 389 8.01 -17.30 -35.29
CA LEU A 389 7.61 -18.08 -36.45
C LEU A 389 6.11 -17.93 -36.65
N VAL A 390 5.41 -17.53 -35.59
CA VAL A 390 3.97 -17.32 -35.60
C VAL A 390 3.22 -18.59 -35.97
N ALA B 7 9.20 5.84 30.39
CA ALA B 7 9.56 5.57 29.00
C ALA B 7 8.35 5.76 28.08
N ILE B 8 7.33 6.47 28.57
CA ILE B 8 6.12 6.67 27.79
C ILE B 8 5.44 8.01 27.99
N ARG B 9 4.94 8.56 26.88
CA ARG B 9 4.24 9.84 26.88
C ARG B 9 3.18 9.90 25.78
N VAL B 10 2.20 10.78 25.99
CA VAL B 10 1.13 10.98 25.03
C VAL B 10 1.51 12.12 24.09
N LEU B 11 1.47 11.86 22.80
CA LEU B 11 1.80 12.88 21.81
C LEU B 11 0.46 13.42 21.33
N LYS B 12 0.20 14.69 21.60
CA LYS B 12 -1.06 15.31 21.21
C LYS B 12 -0.92 16.11 19.92
N GLY B 13 -1.96 16.04 19.08
CA GLY B 13 -1.96 16.77 17.83
C GLY B 13 -0.74 16.53 16.95
N LEU B 14 -0.25 17.60 16.34
CA LEU B 14 0.91 17.55 15.45
C LEU B 14 2.22 17.08 16.07
N GLU B 15 2.25 17.04 17.40
CA GLU B 15 3.43 16.56 18.13
C GLU B 15 3.77 15.16 17.64
N GLY B 16 2.75 14.32 17.53
CA GLY B 16 2.96 12.95 17.08
C GLY B 16 3.54 12.85 15.69
N VAL B 17 3.17 13.79 14.82
CA VAL B 17 3.69 13.76 13.45
C VAL B 17 5.20 13.99 13.45
N ARG B 18 5.68 14.89 14.29
CA ARG B 18 7.11 15.15 14.32
C ARG B 18 7.85 14.06 15.08
N HIS B 19 7.15 13.35 15.96
CA HIS B 19 7.76 12.27 16.72
C HIS B 19 8.03 11.06 15.82
N ARG B 20 7.04 10.68 15.03
CA ARG B 20 7.20 9.55 14.12
C ARG B 20 6.72 9.88 12.70
N PRO B 21 7.52 10.68 11.97
CA PRO B 21 7.19 11.09 10.59
C PRO B 21 6.85 9.91 9.68
N ALA B 22 7.65 8.85 9.74
CA ALA B 22 7.42 7.67 8.91
C ALA B 22 6.01 7.10 9.03
N MET B 23 5.38 7.31 10.20
CA MET B 23 4.02 6.82 10.41
C MET B 23 2.99 7.58 9.57
N TYR B 24 3.35 8.75 9.06
CA TYR B 24 2.45 9.56 8.24
C TYR B 24 2.82 9.60 6.78
N ILE B 25 4.11 9.47 6.48
CA ILE B 25 4.55 9.51 5.09
C ILE B 25 5.41 8.34 4.64
N GLY B 26 5.39 7.25 5.40
CA GLY B 26 6.14 6.06 5.03
C GLY B 26 7.62 6.06 5.35
N GLY B 27 8.27 7.18 5.09
CA GLY B 27 9.69 7.29 5.35
C GLY B 27 10.14 8.73 5.32
N THR B 28 11.42 8.92 5.63
CA THR B 28 12.03 10.24 5.68
C THR B 28 13.02 10.47 4.53
N GLY B 29 12.92 9.62 3.50
CA GLY B 29 13.79 9.75 2.35
C GLY B 29 13.15 10.57 1.24
N VAL B 30 13.60 10.36 0.01
CA VAL B 30 13.08 11.09 -1.15
C VAL B 30 11.58 10.90 -1.38
N GLU B 31 11.09 9.69 -1.16
CA GLU B 31 9.67 9.40 -1.34
C GLU B 31 8.81 10.20 -0.37
N GLY B 32 9.16 10.16 0.91
CA GLY B 32 8.40 10.90 1.90
C GLY B 32 8.46 12.40 1.65
N TYR B 33 9.63 12.89 1.25
CA TYR B 33 9.81 14.32 0.98
C TYR B 33 8.80 14.77 -0.07
N HIS B 34 8.65 14.00 -1.14
CA HIS B 34 7.70 14.35 -2.19
C HIS B 34 6.23 14.12 -1.86
N HIS B 35 5.95 13.36 -0.80
CA HIS B 35 4.56 13.13 -0.40
C HIS B 35 3.98 14.45 0.12
N LEU B 36 4.85 15.33 0.59
CA LEU B 36 4.43 16.64 1.09
C LEU B 36 3.91 17.43 -0.11
N PHE B 37 4.67 17.39 -1.21
CA PHE B 37 4.28 18.06 -2.45
C PHE B 37 2.95 17.50 -2.94
N LYS B 38 2.86 16.18 -3.09
CA LYS B 38 1.62 15.53 -3.53
C LYS B 38 0.42 15.97 -2.71
N GLU B 39 0.57 16.04 -1.38
CA GLU B 39 -0.55 16.42 -0.54
C GLU B 39 -1.02 17.85 -0.79
N ILE B 40 -0.10 18.83 -0.78
CA ILE B 40 -0.51 20.20 -1.02
C ILE B 40 -1.12 20.34 -2.42
N LEU B 41 -0.53 19.64 -3.39
CA LEU B 41 -1.03 19.63 -4.76
C LEU B 41 -2.44 19.06 -4.80
N ASP B 42 -2.67 17.97 -4.07
CA ASP B 42 -3.99 17.37 -4.04
C ASP B 42 -5.05 18.25 -3.37
N ASN B 43 -4.62 19.10 -2.45
CA ASN B 43 -5.55 20.04 -1.81
C ASN B 43 -6.02 20.99 -2.92
N ALA B 44 -5.10 21.38 -3.80
CA ALA B 44 -5.43 22.28 -4.89
C ALA B 44 -6.33 21.55 -5.89
N VAL B 45 -5.93 20.35 -6.28
CA VAL B 45 -6.70 19.54 -7.22
C VAL B 45 -8.14 19.32 -6.71
N ASP B 46 -8.33 19.24 -5.40
CA ASP B 46 -9.67 19.06 -4.85
C ASP B 46 -10.58 20.26 -5.19
N GLU B 47 -10.00 21.45 -5.31
CA GLU B 47 -10.79 22.62 -5.67
C GLU B 47 -11.24 22.49 -7.12
N ALA B 48 -10.39 21.87 -7.94
CA ALA B 48 -10.72 21.65 -9.35
C ALA B 48 -11.81 20.60 -9.45
N LEU B 49 -11.68 19.52 -8.69
CA LEU B 49 -12.71 18.47 -8.72
C LEU B 49 -14.08 19.04 -8.33
N ALA B 50 -14.08 20.04 -7.46
CA ALA B 50 -15.32 20.66 -7.01
C ALA B 50 -15.85 21.67 -8.03
N GLY B 51 -15.09 21.94 -9.08
CA GLY B 51 -15.52 22.87 -10.10
C GLY B 51 -15.26 24.34 -9.85
N TYR B 52 -14.26 24.66 -9.03
CA TYR B 52 -13.93 26.06 -8.73
C TYR B 52 -12.56 26.48 -9.25
N ALA B 53 -11.64 25.53 -9.37
CA ALA B 53 -10.31 25.83 -9.87
C ALA B 53 -10.15 25.28 -11.29
N THR B 54 -9.47 26.05 -12.13
CA THR B 54 -9.26 25.63 -13.50
C THR B 54 -7.75 25.67 -13.81
N GLU B 55 -7.00 26.38 -12.98
CA GLU B 55 -5.56 26.50 -13.17
C GLU B 55 -4.80 26.26 -11.88
N ILE B 56 -3.70 25.51 -11.97
CA ILE B 56 -2.86 25.24 -10.81
C ILE B 56 -1.41 25.45 -11.14
N LEU B 57 -0.74 26.29 -10.35
CA LEU B 57 0.67 26.54 -10.57
C LEU B 57 1.54 25.88 -9.49
N VAL B 58 2.54 25.14 -9.92
CA VAL B 58 3.48 24.50 -9.01
C VAL B 58 4.83 25.11 -9.37
N ARG B 59 5.45 25.79 -8.41
CA ARG B 59 6.72 26.45 -8.67
C ARG B 59 7.84 26.07 -7.70
N LEU B 60 9.00 25.70 -8.24
CA LEU B 60 10.15 25.36 -7.39
C LEU B 60 10.95 26.66 -7.27
N ASN B 61 11.00 27.20 -6.06
CA ASN B 61 11.72 28.44 -5.82
C ASN B 61 13.23 28.23 -5.62
N GLU B 62 14.00 29.23 -6.01
CA GLU B 62 15.46 29.19 -5.90
C GLU B 62 15.97 28.77 -4.52
N ASP B 63 15.24 29.09 -3.46
CA ASP B 63 15.65 28.73 -2.10
C ASP B 63 15.29 27.29 -1.69
N GLY B 64 14.77 26.50 -2.63
CA GLY B 64 14.41 25.13 -2.31
C GLY B 64 12.97 24.93 -1.92
N SER B 65 12.27 26.02 -1.60
CA SER B 65 10.87 25.92 -1.20
C SER B 65 10.01 25.64 -2.42
N LEU B 66 8.77 25.22 -2.20
CA LEU B 66 7.85 24.92 -3.30
C LEU B 66 6.55 25.70 -3.11
N THR B 67 6.01 26.21 -4.21
CA THR B 67 4.78 26.97 -4.18
C THR B 67 3.71 26.30 -5.02
N VAL B 68 2.50 26.22 -4.46
CA VAL B 68 1.37 25.62 -5.15
C VAL B 68 0.22 26.64 -5.06
N GLU B 69 -0.14 27.22 -6.20
CA GLU B 69 -1.18 28.22 -6.23
C GLU B 69 -2.34 27.72 -7.09
N ASP B 70 -3.57 27.92 -6.60
CA ASP B 70 -4.75 27.48 -7.32
C ASP B 70 -5.74 28.60 -7.61
N ASN B 71 -6.59 28.33 -8.59
CA ASN B 71 -7.64 29.19 -9.13
C ASN B 71 -8.93 29.09 -8.28
N GLY B 72 -8.86 28.41 -7.14
CA GLY B 72 -10.02 28.18 -6.31
C GLY B 72 -10.76 29.30 -5.62
N ARG B 73 -11.49 28.90 -4.58
CA ARG B 73 -12.29 29.81 -3.76
C ARG B 73 -11.46 30.52 -2.70
N GLY B 74 -10.30 29.94 -2.37
CA GLY B 74 -9.45 30.51 -1.36
C GLY B 74 -9.93 29.96 -0.02
N ILE B 75 -9.02 29.38 0.75
CA ILE B 75 -9.40 28.80 2.04
C ILE B 75 -10.05 29.88 2.94
N PRO B 76 -11.22 29.57 3.51
CA PRO B 76 -11.93 30.51 4.38
C PRO B 76 -11.07 31.05 5.52
N VAL B 77 -11.19 32.36 5.78
CA VAL B 77 -10.41 33.00 6.83
C VAL B 77 -11.25 33.54 7.98
N ASP B 78 -12.54 33.23 7.99
CA ASP B 78 -13.41 33.69 9.06
C ASP B 78 -13.22 32.82 10.30
N LEU B 79 -13.44 33.41 11.46
CA LEU B 79 -13.25 32.73 12.74
C LEU B 79 -14.17 31.55 13.01
N MET B 80 -13.60 30.53 13.64
CA MET B 80 -14.33 29.33 14.03
C MET B 80 -14.56 29.53 15.52
N PRO B 81 -15.81 29.80 15.94
CA PRO B 81 -16.15 30.03 17.34
C PRO B 81 -15.50 29.09 18.38
N GLU B 82 -15.71 27.79 18.22
CA GLU B 82 -15.16 26.81 19.16
C GLU B 82 -13.66 26.95 19.43
N GLU B 83 -12.90 27.25 18.38
CA GLU B 83 -11.44 27.39 18.52
C GLU B 83 -10.97 28.83 18.69
N GLY B 84 -11.81 29.79 18.31
CA GLY B 84 -11.43 31.19 18.43
C GLY B 84 -10.27 31.54 17.51
N LYS B 85 -10.26 30.96 16.31
CA LYS B 85 -9.21 31.21 15.34
C LYS B 85 -9.71 31.05 13.91
N PRO B 86 -9.06 31.74 12.95
CA PRO B 86 -9.48 31.65 11.55
C PRO B 86 -9.48 30.20 11.07
N ALA B 87 -10.42 29.88 10.18
CA ALA B 87 -10.55 28.53 9.63
C ALA B 87 -9.23 28.06 9.03
N VAL B 88 -8.57 28.92 8.26
CA VAL B 88 -7.31 28.56 7.62
C VAL B 88 -6.24 28.17 8.65
N GLU B 89 -6.26 28.80 9.82
CA GLU B 89 -5.28 28.47 10.85
C GLU B 89 -5.60 27.07 11.38
N VAL B 90 -6.87 26.83 11.71
CA VAL B 90 -7.31 25.53 12.20
C VAL B 90 -6.90 24.42 11.20
N ILE B 91 -7.21 24.63 9.92
CA ILE B 91 -6.87 23.67 8.88
C ILE B 91 -5.41 23.23 8.90
N TYR B 92 -4.49 24.18 9.01
CA TYR B 92 -3.06 23.84 9.03
C TYR B 92 -2.44 23.53 10.40
N ASN B 93 -3.19 23.73 11.48
CA ASN B 93 -2.64 23.48 12.81
C ASN B 93 -3.24 22.33 13.60
N THR B 94 -4.37 21.80 13.16
CA THR B 94 -4.97 20.69 13.87
C THR B 94 -4.73 19.42 13.07
N LEU B 95 -4.34 18.37 13.77
CA LEU B 95 -4.07 17.08 13.14
C LEU B 95 -5.26 16.60 12.30
N HIS B 96 -6.46 16.67 12.86
CA HIS B 96 -7.64 16.18 12.17
C HIS B 96 -8.86 17.06 12.29
N SER B 97 -9.24 17.67 11.17
CA SER B 97 -10.43 18.51 11.15
C SER B 97 -11.31 17.97 10.02
N GLY B 98 -12.63 18.08 10.19
CA GLY B 98 -13.56 17.58 9.19
C GLY B 98 -14.85 18.38 9.15
N GLY B 99 -15.93 17.72 8.76
CA GLY B 99 -17.23 18.38 8.66
C GLY B 99 -17.89 17.96 7.37
N LYS B 100 -19.08 18.52 7.09
CA LYS B 100 -19.78 18.16 5.86
C LYS B 100 -19.08 18.67 4.60
N PHE B 101 -18.10 19.55 4.77
CA PHE B 101 -17.35 20.08 3.63
C PHE B 101 -16.56 18.97 2.92
N GLU B 102 -16.45 17.80 3.56
CA GLU B 102 -15.75 16.66 2.98
C GLU B 102 -16.66 15.96 1.98
N GLN B 103 -17.96 16.24 2.07
CA GLN B 103 -18.96 15.64 1.18
C GLN B 103 -19.48 16.70 0.21
N GLY B 104 -20.06 16.26 -0.90
CA GLY B 104 -20.60 17.21 -1.86
C GLY B 104 -19.76 17.44 -3.10
N ALA B 105 -18.72 16.63 -3.27
CA ALA B 105 -17.83 16.74 -4.43
C ALA B 105 -16.79 15.62 -4.38
N TYR B 106 -16.32 15.20 -5.54
CA TYR B 106 -15.30 14.15 -5.59
C TYR B 106 -13.99 14.70 -5.00
N LYS B 107 -13.27 13.86 -4.27
CA LYS B 107 -12.00 14.30 -3.69
C LYS B 107 -10.89 13.29 -3.96
N VAL B 108 -9.65 13.77 -3.94
CA VAL B 108 -8.51 12.90 -4.15
C VAL B 108 -8.43 11.99 -2.93
N SER B 109 -8.23 10.69 -3.16
CA SER B 109 -8.16 9.74 -2.05
C SER B 109 -6.75 9.56 -1.52
N GLY B 110 -6.63 8.77 -0.46
CA GLY B 110 -5.32 8.54 0.15
C GLY B 110 -4.78 9.83 0.71
N GLY B 111 -3.49 10.07 0.52
CA GLY B 111 -2.91 11.29 1.03
C GLY B 111 -2.64 11.23 2.53
N LEU B 112 -2.25 12.37 3.08
CA LEU B 112 -1.91 12.46 4.49
C LEU B 112 -3.09 12.61 5.44
N HIS B 113 -2.87 12.21 6.70
CA HIS B 113 -3.86 12.26 7.77
C HIS B 113 -4.82 13.47 7.69
N GLY B 114 -6.12 13.21 7.89
CA GLY B 114 -7.12 14.28 7.86
C GLY B 114 -7.11 15.05 6.55
N VAL B 115 -7.03 16.38 6.62
CA VAL B 115 -6.97 17.20 5.41
C VAL B 115 -5.56 17.10 4.82
N GLY B 116 -4.61 16.63 5.63
CA GLY B 116 -3.24 16.46 5.15
C GLY B 116 -2.36 17.68 5.25
N ALA B 117 -2.97 18.85 5.10
CA ALA B 117 -2.25 20.11 5.14
C ALA B 117 -1.46 20.32 6.43
N SER B 118 -2.05 19.98 7.57
CA SER B 118 -1.35 20.17 8.84
C SER B 118 -0.16 19.22 9.01
N VAL B 119 -0.19 18.07 8.33
CA VAL B 119 0.94 17.15 8.42
C VAL B 119 2.12 17.77 7.67
N VAL B 120 1.83 18.43 6.55
CA VAL B 120 2.89 19.06 5.77
C VAL B 120 3.51 20.21 6.60
N ASN B 121 2.66 20.95 7.28
CA ASN B 121 3.12 22.07 8.10
C ASN B 121 4.01 21.58 9.23
N ALA B 122 3.59 20.50 9.89
CA ALA B 122 4.35 19.92 11.00
C ALA B 122 5.75 19.47 10.55
N LEU B 123 5.83 18.92 9.33
CA LEU B 123 7.09 18.43 8.79
C LEU B 123 7.85 19.42 7.91
N SER B 124 7.50 20.71 8.02
CA SER B 124 8.15 21.74 7.24
C SER B 124 8.79 22.81 8.14
N GLU B 125 10.00 23.22 7.79
CA GLU B 125 10.72 24.25 8.53
C GLU B 125 9.84 25.50 8.58
N TRP B 126 9.23 25.84 7.45
CA TRP B 126 8.32 26.98 7.38
C TRP B 126 7.27 26.78 6.32
N THR B 127 6.10 27.37 6.55
CA THR B 127 4.98 27.27 5.65
C THR B 127 4.27 28.61 5.59
N VAL B 128 3.94 29.06 4.39
CA VAL B 128 3.24 30.32 4.21
C VAL B 128 1.96 30.06 3.42
N VAL B 129 0.83 30.47 3.99
CA VAL B 129 -0.44 30.30 3.30
C VAL B 129 -1.00 31.70 2.98
N GLU B 130 -1.27 31.93 1.70
CA GLU B 130 -1.81 33.21 1.27
C GLU B 130 -3.18 32.94 0.68
N VAL B 131 -4.15 33.73 1.08
CA VAL B 131 -5.50 33.55 0.58
C VAL B 131 -6.06 34.83 -0.04
N PHE B 132 -6.55 34.71 -1.26
CA PHE B 132 -7.16 35.81 -1.99
C PHE B 132 -8.65 35.51 -1.90
N ARG B 133 -9.35 36.27 -1.07
CA ARG B 133 -10.77 36.03 -0.86
C ARG B 133 -11.53 37.28 -0.46
N GLU B 134 -12.67 37.48 -1.10
CA GLU B 134 -13.53 38.60 -0.81
C GLU B 134 -12.79 39.93 -0.92
N GLY B 135 -12.05 40.09 -2.01
CA GLY B 135 -11.33 41.34 -2.25
C GLY B 135 -10.00 41.58 -1.55
N LYS B 136 -9.54 40.65 -0.72
CA LYS B 136 -8.27 40.84 -0.02
C LYS B 136 -7.25 39.72 -0.20
N HIS B 137 -6.00 40.07 0.09
CA HIS B 137 -4.88 39.14 0.02
C HIS B 137 -4.48 38.96 1.47
N HIS B 138 -4.69 37.75 1.99
CA HIS B 138 -4.40 37.37 3.38
C HIS B 138 -3.11 36.57 3.50
N ARG B 139 -2.51 36.56 4.68
CA ARG B 139 -1.28 35.82 4.89
C ARG B 139 -1.16 35.29 6.31
N ILE B 140 -0.74 34.04 6.41
CA ILE B 140 -0.51 33.41 7.69
C ILE B 140 0.74 32.55 7.48
N ALA B 141 1.64 32.57 8.45
CA ALA B 141 2.89 31.82 8.35
C ALA B 141 3.02 30.87 9.53
N PHE B 142 3.58 29.69 9.24
CA PHE B 142 3.77 28.67 10.26
C PHE B 142 5.20 28.15 10.24
N SER B 143 5.49 27.27 11.19
CA SER B 143 6.79 26.63 11.27
C SER B 143 6.64 25.41 12.13
N ARG B 144 6.97 24.26 11.54
CA ARG B 144 6.90 22.99 12.26
C ARG B 144 5.61 22.82 13.04
N GLY B 145 4.49 23.16 12.40
CA GLY B 145 3.18 23.00 13.03
C GLY B 145 2.60 24.13 13.86
N GLU B 146 3.41 25.16 14.13
CA GLU B 146 2.96 26.29 14.95
C GLU B 146 2.89 27.60 14.18
N VAL B 147 1.97 28.47 14.57
CA VAL B 147 1.79 29.76 13.94
C VAL B 147 2.95 30.66 14.33
N THR B 148 3.65 31.22 13.35
CA THR B 148 4.75 32.13 13.64
C THR B 148 4.26 33.56 13.39
N GLU B 149 3.35 33.70 12.42
CA GLU B 149 2.79 35.00 12.08
C GLU B 149 1.28 34.87 11.85
N PRO B 150 0.49 35.31 12.83
CA PRO B 150 -0.98 35.25 12.78
C PRO B 150 -1.58 35.79 11.50
N LEU B 151 -2.76 35.30 11.16
CA LEU B 151 -3.43 35.74 9.95
C LEU B 151 -3.54 37.26 9.89
N ARG B 152 -3.26 37.83 8.72
CA ARG B 152 -3.38 39.27 8.56
C ARG B 152 -3.57 39.60 7.10
N VAL B 153 -4.13 40.77 6.82
CA VAL B 153 -4.33 41.24 5.46
C VAL B 153 -3.05 41.95 5.06
N VAL B 154 -2.45 41.53 3.94
CA VAL B 154 -1.21 42.16 3.48
C VAL B 154 -1.44 43.10 2.31
N GLY B 155 -2.65 43.12 1.79
CA GLY B 155 -2.97 44.00 0.68
C GLY B 155 -4.32 43.64 0.09
N GLU B 156 -4.68 44.28 -1.01
CA GLU B 156 -5.96 44.00 -1.66
C GLU B 156 -5.77 43.01 -2.81
N ALA B 157 -6.86 42.34 -3.18
CA ALA B 157 -6.83 41.38 -4.28
C ALA B 157 -7.19 42.10 -5.57
N PRO B 158 -6.38 41.92 -6.63
CA PRO B 158 -6.59 42.54 -7.94
C PRO B 158 -7.96 42.34 -8.59
N ARG B 159 -8.11 42.76 -9.85
CA ARG B 159 -9.23 41.49 -10.54
C ARG B 159 -10.47 41.04 -9.75
N GLY B 160 -11.07 39.93 -10.17
CA GLY B 160 -11.89 39.05 -9.33
C GLY B 160 -11.16 37.84 -8.77
N LYS B 161 -9.86 38.01 -8.58
CA LYS B 161 -8.96 36.98 -8.09
C LYS B 161 -9.26 36.40 -6.72
N THR B 162 -9.46 35.08 -6.71
CA THR B 162 -9.69 34.32 -5.48
C THR B 162 -8.86 33.07 -5.64
N GLY B 163 -8.40 32.53 -4.53
CA GLY B 163 -7.59 31.33 -4.61
C GLY B 163 -6.66 31.24 -3.42
N THR B 164 -5.86 30.19 -3.41
CA THR B 164 -4.92 29.94 -2.34
C THR B 164 -3.54 29.68 -2.91
N ARG B 165 -2.54 30.19 -2.24
CA ARG B 165 -1.16 30.01 -2.66
C ARG B 165 -0.40 29.52 -1.42
N VAL B 166 0.12 28.29 -1.51
CA VAL B 166 0.84 27.69 -0.40
C VAL B 166 2.31 27.53 -0.75
N THR B 167 3.19 27.97 0.15
CA THR B 167 4.61 27.87 -0.05
C THR B 167 5.18 27.21 1.19
N PHE B 168 6.01 26.19 1.01
CA PHE B 168 6.57 25.51 2.16
C PHE B 168 7.94 24.92 1.82
N LYS B 169 8.68 24.61 2.87
CA LYS B 169 10.02 24.04 2.73
C LYS B 169 10.14 22.88 3.72
N PRO B 170 10.14 21.64 3.22
CA PRO B 170 10.25 20.48 4.12
C PRO B 170 11.40 20.72 5.11
N ASP B 171 11.16 20.35 6.36
CA ASP B 171 12.15 20.55 7.42
C ASP B 171 13.43 19.73 7.22
N PRO B 172 14.59 20.42 7.12
CA PRO B 172 15.86 19.73 6.95
C PRO B 172 16.23 18.92 8.20
N GLU B 173 15.62 19.28 9.34
CA GLU B 173 15.86 18.59 10.61
C GLU B 173 15.31 17.17 10.56
N ILE B 174 14.47 16.90 9.56
CA ILE B 174 13.87 15.59 9.40
C ILE B 174 14.32 14.94 8.10
N PHE B 175 14.46 15.73 7.04
CA PHE B 175 14.84 15.21 5.73
C PHE B 175 16.30 15.38 5.27
N GLY B 176 17.14 16.03 6.07
CA GLY B 176 18.53 16.21 5.66
C GLY B 176 18.68 17.18 4.49
N ASN B 177 19.68 16.97 3.64
CA ASN B 177 19.87 17.88 2.52
C ASN B 177 18.98 17.63 1.31
N LEU B 178 17.91 16.87 1.46
CA LEU B 178 17.01 16.61 0.35
C LEU B 178 16.41 17.86 -0.28
N ARG B 179 16.20 17.79 -1.59
CA ARG B 179 15.63 18.89 -2.37
C ARG B 179 14.59 18.30 -3.33
N PHE B 180 13.63 19.10 -3.78
CA PHE B 180 12.62 18.60 -4.70
C PHE B 180 13.23 18.21 -6.04
N ASP B 181 12.69 17.15 -6.63
CA ASP B 181 13.14 16.64 -7.90
C ASP B 181 12.16 17.07 -8.98
N PRO B 182 12.59 17.88 -9.94
CA PRO B 182 11.68 18.33 -11.00
C PRO B 182 10.98 17.19 -11.72
N SER B 183 11.72 16.12 -11.99
CA SER B 183 11.22 14.94 -12.68
C SER B 183 9.97 14.35 -12.02
N LYS B 184 10.03 14.19 -10.70
CA LYS B 184 8.90 13.63 -9.97
C LYS B 184 7.71 14.58 -9.96
N ILE B 185 7.97 15.87 -9.75
CA ILE B 185 6.91 16.84 -9.74
C ILE B 185 6.20 16.83 -11.09
N ARG B 186 6.96 16.86 -12.17
CA ARG B 186 6.41 16.84 -13.52
C ARG B 186 5.61 15.56 -13.81
N ALA B 187 6.08 14.43 -13.31
CA ALA B 187 5.39 13.16 -13.51
C ALA B 187 3.99 13.15 -12.90
N ARG B 188 3.86 13.69 -11.68
CA ARG B 188 2.56 13.74 -11.02
C ARG B 188 1.66 14.78 -11.68
N LEU B 189 2.25 15.87 -12.16
CA LEU B 189 1.47 16.91 -12.82
C LEU B 189 0.92 16.38 -14.14
N ARG B 190 1.75 15.62 -14.86
CA ARG B 190 1.35 15.01 -16.12
C ARG B 190 0.21 14.05 -15.87
N GLU B 191 0.33 13.29 -14.80
CA GLU B 191 -0.68 12.33 -14.41
C GLU B 191 -2.01 13.06 -14.18
N VAL B 192 -1.99 14.05 -13.27
CA VAL B 192 -3.19 14.80 -12.95
C VAL B 192 -3.88 15.45 -14.15
N ALA B 193 -3.11 16.07 -15.04
CA ALA B 193 -3.71 16.71 -16.22
C ALA B 193 -4.52 15.67 -16.99
N TYR B 194 -4.03 14.44 -17.03
CA TYR B 194 -4.72 13.35 -17.71
C TYR B 194 -5.99 12.90 -16.97
N LEU B 195 -5.91 12.82 -15.64
CA LEU B 195 -7.04 12.39 -14.83
C LEU B 195 -8.13 13.44 -14.60
N VAL B 196 -7.83 14.70 -14.91
CA VAL B 196 -8.80 15.78 -14.77
C VAL B 196 -8.68 16.61 -16.05
N ALA B 197 -9.13 16.03 -17.16
CA ALA B 197 -9.08 16.66 -18.48
C ALA B 197 -9.56 18.10 -18.49
N GLY B 198 -8.77 18.98 -19.08
CA GLY B 198 -9.15 20.37 -19.13
C GLY B 198 -8.49 21.17 -18.03
N LEU B 199 -8.02 20.47 -16.99
CA LEU B 199 -7.36 21.10 -15.86
C LEU B 199 -5.97 21.51 -16.33
N LYS B 200 -5.64 22.79 -16.17
CA LYS B 200 -4.33 23.27 -16.58
C LYS B 200 -3.38 23.37 -15.39
N LEU B 201 -2.24 22.70 -15.49
CA LEU B 201 -1.24 22.71 -14.43
C LEU B 201 0.09 23.19 -15.00
N VAL B 202 0.64 24.22 -14.38
CA VAL B 202 1.89 24.77 -14.84
C VAL B 202 3.00 24.52 -13.84
N PHE B 203 4.13 24.05 -14.34
CA PHE B 203 5.28 23.79 -13.50
C PHE B 203 6.37 24.80 -13.86
N GLN B 204 6.84 25.52 -12.85
CA GLN B 204 7.90 26.50 -13.04
C GLN B 204 9.07 26.13 -12.17
N ASP B 205 10.24 25.99 -12.78
CA ASP B 205 11.45 25.67 -12.03
C ASP B 205 12.32 26.90 -12.12
N ARG B 206 12.09 27.87 -11.23
CA ARG B 206 12.84 29.11 -11.23
C ARG B 206 14.35 28.92 -11.37
N GLN B 207 14.88 27.87 -10.76
CA GLN B 207 16.30 27.58 -10.84
C GLN B 207 16.78 27.62 -12.29
N HIS B 208 16.30 26.69 -13.11
CA HIS B 208 16.69 26.63 -14.52
C HIS B 208 15.88 27.54 -15.44
N GLY B 209 14.97 28.32 -14.87
CA GLY B 209 14.15 29.21 -15.68
C GLY B 209 13.24 28.44 -16.63
N LYS B 210 13.01 27.17 -16.33
CA LYS B 210 12.16 26.32 -17.14
C LYS B 210 10.69 26.44 -16.77
N GLU B 211 9.82 26.05 -17.68
CA GLU B 211 8.39 26.09 -17.45
C GLU B 211 7.69 25.17 -18.44
N GLU B 212 6.81 24.33 -17.92
CA GLU B 212 6.05 23.41 -18.75
C GLU B 212 4.58 23.42 -18.33
N VAL B 213 3.71 23.35 -19.34
CA VAL B 213 2.28 23.35 -19.11
C VAL B 213 1.71 21.96 -19.37
N PHE B 214 0.85 21.51 -18.47
CA PHE B 214 0.23 20.19 -18.58
C PHE B 214 -1.27 20.41 -18.70
N LEU B 215 -1.80 20.11 -19.87
CA LEU B 215 -3.22 20.27 -20.16
C LEU B 215 -3.58 19.28 -21.27
N ASP B 216 -4.66 18.54 -21.09
CA ASP B 216 -5.06 17.57 -22.09
C ASP B 216 -6.55 17.28 -22.10
N LYS B 217 -7.26 17.92 -23.04
CA LYS B 217 -8.70 17.74 -23.20
C LYS B 217 -9.01 16.27 -23.44
N GLY B 218 -8.07 15.55 -24.03
CA GLY B 218 -8.26 14.13 -24.31
C GLY B 218 -8.18 13.25 -23.07
N GLY B 219 -7.69 13.83 -21.98
CA GLY B 219 -7.57 13.13 -20.72
C GLY B 219 -7.01 11.72 -20.77
N VAL B 220 -7.78 10.78 -20.23
CA VAL B 220 -7.41 9.38 -20.17
C VAL B 220 -7.14 8.72 -21.54
N ALA B 221 -7.87 9.13 -22.57
CA ALA B 221 -7.63 8.57 -23.90
C ALA B 221 -6.22 8.96 -24.32
N SER B 222 -5.85 10.21 -24.08
CA SER B 222 -4.53 10.70 -24.41
C SER B 222 -3.49 10.01 -23.51
N PHE B 223 -3.86 9.77 -22.26
CA PHE B 223 -2.97 9.10 -21.31
C PHE B 223 -2.61 7.73 -21.88
N ALA B 224 -3.63 7.02 -22.38
CA ALA B 224 -3.43 5.70 -22.97
C ALA B 224 -2.42 5.76 -24.12
N LYS B 225 -2.58 6.72 -25.02
CA LYS B 225 -1.65 6.87 -26.14
C LYS B 225 -0.26 7.18 -25.61
N ALA B 226 -0.18 8.03 -24.60
CA ALA B 226 1.10 8.39 -24.02
C ALA B 226 1.84 7.14 -23.55
N LEU B 227 1.09 6.13 -23.11
CA LEU B 227 1.68 4.87 -22.65
C LEU B 227 2.34 4.10 -23.78
N ALA B 228 1.83 4.25 -24.99
CA ALA B 228 2.39 3.58 -26.16
C ALA B 228 3.24 4.56 -26.97
N GLU B 229 4.07 5.35 -26.26
CA GLU B 229 4.92 6.36 -26.90
C GLU B 229 5.83 5.81 -28.00
N GLY B 230 6.76 4.93 -27.62
CA GLY B 230 7.65 4.36 -28.61
C GLY B 230 7.10 3.01 -29.05
N GLU B 231 6.06 3.05 -29.89
CA GLU B 231 5.41 1.83 -30.36
C GLU B 231 4.53 2.14 -31.57
N ASP B 232 4.47 1.22 -32.52
CA ASP B 232 3.66 1.41 -33.71
C ASP B 232 2.20 1.15 -33.35
N LEU B 233 1.35 2.15 -33.62
CA LEU B 233 -0.07 2.06 -33.31
C LEU B 233 -0.91 1.40 -34.40
N LEU B 234 -1.94 0.68 -33.98
CA LEU B 234 -2.87 0.01 -34.90
C LEU B 234 -3.79 1.06 -35.51
N TYR B 235 -4.00 2.14 -34.78
CA TYR B 235 -4.81 3.26 -35.23
C TYR B 235 -4.41 4.43 -34.32
N GLU B 236 -4.04 5.54 -34.92
CA GLU B 236 -3.58 6.72 -34.19
C GLU B 236 -4.56 7.40 -33.24
N LYS B 237 -5.86 7.16 -33.41
CA LYS B 237 -6.85 7.80 -32.55
C LYS B 237 -7.33 6.89 -31.42
N PRO B 238 -6.97 7.24 -30.17
CA PRO B 238 -7.38 6.43 -29.02
C PRO B 238 -8.86 6.61 -28.69
N PHE B 239 -9.51 5.57 -28.19
CA PHE B 239 -10.92 5.66 -27.84
C PHE B 239 -11.14 6.18 -26.43
N LEU B 240 -12.23 6.91 -26.24
CA LEU B 240 -12.59 7.48 -24.94
C LEU B 240 -13.97 7.01 -24.52
N ILE B 241 -14.06 6.45 -23.32
CA ILE B 241 -15.33 5.99 -22.78
C ILE B 241 -15.62 6.78 -21.52
N ARG B 242 -16.67 7.59 -21.55
CA ARG B 242 -17.05 8.37 -20.39
C ARG B 242 -18.45 7.93 -19.97
N GLY B 243 -18.76 8.06 -18.69
CA GLY B 243 -20.06 7.67 -18.22
C GLY B 243 -20.18 7.76 -16.72
N THR B 244 -21.41 7.82 -16.25
CA THR B 244 -21.70 7.89 -14.83
C THR B 244 -22.76 6.86 -14.48
N HIS B 245 -22.49 6.06 -13.47
CA HIS B 245 -23.43 5.04 -13.01
C HIS B 245 -23.54 5.18 -11.50
N GLY B 246 -24.72 5.56 -11.03
CA GLY B 246 -24.91 5.73 -9.61
C GLY B 246 -24.09 6.93 -9.16
N GLU B 247 -23.23 6.73 -8.17
CA GLU B 247 -22.38 7.82 -7.65
C GLU B 247 -20.97 7.72 -8.21
N VAL B 248 -20.78 6.88 -9.22
CA VAL B 248 -19.46 6.66 -9.79
C VAL B 248 -19.25 7.26 -11.17
N GLU B 249 -18.25 8.12 -11.28
CA GLU B 249 -17.91 8.71 -12.55
C GLU B 249 -16.85 7.77 -13.12
N VAL B 250 -17.05 7.37 -14.38
CA VAL B 250 -16.14 6.45 -15.05
C VAL B 250 -15.50 7.07 -16.29
N GLU B 251 -14.21 6.83 -16.46
CA GLU B 251 -13.46 7.32 -17.61
C GLU B 251 -12.51 6.20 -17.98
N VAL B 252 -12.58 5.78 -19.24
CA VAL B 252 -11.72 4.72 -19.73
C VAL B 252 -11.18 5.11 -21.09
N GLY B 253 -9.87 4.96 -21.27
CA GLY B 253 -9.24 5.30 -22.53
C GLY B 253 -8.38 4.13 -22.94
N PHE B 254 -8.35 3.82 -24.22
CA PHE B 254 -7.54 2.70 -24.67
C PHE B 254 -7.15 2.81 -26.14
N LEU B 255 -6.10 2.09 -26.50
CA LEU B 255 -5.58 2.11 -27.86
C LEU B 255 -4.75 0.85 -28.05
N HIS B 256 -4.64 0.39 -29.28
CA HIS B 256 -3.86 -0.80 -29.56
C HIS B 256 -2.60 -0.51 -30.38
N THR B 257 -1.60 -1.36 -30.22
CA THR B 257 -0.35 -1.23 -30.95
C THR B 257 -0.15 -2.56 -31.64
N GLN B 258 0.59 -2.55 -32.74
CA GLN B 258 0.85 -3.79 -33.46
C GLN B 258 1.92 -4.60 -32.73
N GLY B 259 2.43 -4.03 -31.63
CA GLY B 259 3.43 -4.71 -30.83
C GLY B 259 2.78 -5.83 -30.05
N TYR B 260 3.53 -6.40 -29.11
CA TYR B 260 3.00 -7.51 -28.32
C TYR B 260 2.99 -7.23 -26.82
N ASN B 261 3.39 -6.02 -26.46
CA ASN B 261 3.43 -5.59 -25.06
C ASN B 261 2.09 -4.94 -24.71
N ALA B 262 1.77 -4.90 -23.43
CA ALA B 262 0.53 -4.29 -22.97
C ALA B 262 0.81 -3.29 -21.86
N GLU B 263 -0.26 -2.75 -21.28
CA GLU B 263 -0.13 -1.77 -20.20
C GLU B 263 -1.50 -1.23 -19.82
N ILE B 264 -1.94 -1.55 -18.61
CA ILE B 264 -3.23 -1.08 -18.11
C ILE B 264 -3.03 -0.42 -16.76
N LEU B 265 -3.33 0.87 -16.66
CA LEU B 265 -3.20 1.58 -15.40
C LEU B 265 -4.61 1.86 -14.89
N THR B 266 -4.82 1.67 -13.58
CA THR B 266 -6.13 1.93 -13.01
C THR B 266 -6.02 2.97 -11.90
N TYR B 267 -7.06 3.80 -11.77
CA TYR B 267 -7.09 4.84 -10.76
C TYR B 267 -8.44 4.94 -10.07
N ALA B 268 -8.39 5.30 -8.78
CA ALA B 268 -9.57 5.49 -7.95
C ALA B 268 -9.36 6.82 -7.24
N ASN B 269 -10.23 7.79 -7.50
CA ASN B 269 -10.14 9.10 -6.90
C ASN B 269 -8.76 9.75 -7.03
N MET B 270 -8.20 9.68 -8.24
CA MET B 270 -6.90 10.28 -8.55
C MET B 270 -5.67 9.59 -7.99
N ILE B 271 -5.83 8.46 -7.32
CA ILE B 271 -4.65 7.77 -6.79
C ILE B 271 -4.47 6.45 -7.50
N PRO B 272 -3.22 6.13 -7.89
CA PRO B 272 -2.95 4.87 -8.58
C PRO B 272 -3.35 3.67 -7.71
N THR B 273 -3.95 2.66 -8.34
CA THR B 273 -4.34 1.45 -7.62
C THR B 273 -3.54 0.32 -8.27
N ARG B 274 -2.28 0.21 -7.85
CA ARG B 274 -1.36 -0.79 -8.37
C ARG B 274 -1.92 -2.20 -8.44
N ASP B 275 -2.54 -2.65 -7.35
CA ASP B 275 -3.08 -4.00 -7.33
C ASP B 275 -4.51 -4.13 -7.90
N GLY B 276 -4.91 -3.14 -8.70
CA GLY B 276 -6.22 -3.16 -9.32
C GLY B 276 -7.40 -3.12 -8.37
N GLY B 277 -8.35 -4.02 -8.60
CA GLY B 277 -9.52 -4.08 -7.76
C GLY B 277 -10.79 -4.24 -8.58
N THR B 278 -11.92 -3.96 -7.97
CA THR B 278 -13.21 -4.08 -8.60
C THR B 278 -13.36 -3.37 -9.94
N HIS B 279 -12.76 -2.18 -10.07
CA HIS B 279 -12.83 -1.42 -11.32
C HIS B 279 -12.01 -2.05 -12.45
N LEU B 280 -10.88 -2.64 -12.12
CA LEU B 280 -10.04 -3.28 -13.12
C LEU B 280 -10.66 -4.59 -13.59
N THR B 281 -11.07 -5.42 -12.63
CA THR B 281 -11.70 -6.68 -12.97
C THR B 281 -12.95 -6.44 -13.80
N ALA B 282 -13.71 -5.39 -13.46
CA ALA B 282 -14.92 -5.07 -14.21
C ALA B 282 -14.58 -4.62 -15.63
N PHE B 283 -13.42 -3.99 -15.80
CA PHE B 283 -13.01 -3.54 -17.12
C PHE B 283 -12.66 -4.71 -18.01
N LYS B 284 -11.69 -5.52 -17.57
CA LYS B 284 -11.27 -6.69 -18.35
C LYS B 284 -12.50 -7.48 -18.75
N SER B 285 -13.37 -7.74 -17.78
CA SER B 285 -14.58 -8.49 -18.05
C SER B 285 -15.46 -7.84 -19.12
N ALA B 286 -15.83 -6.58 -18.90
CA ALA B 286 -16.69 -5.88 -19.85
C ALA B 286 -16.09 -5.82 -21.25
N TYR B 287 -14.79 -5.56 -21.33
CA TYR B 287 -14.10 -5.49 -22.61
C TYR B 287 -14.23 -6.87 -23.29
N SER B 288 -13.93 -7.92 -22.54
CA SER B 288 -14.01 -9.29 -23.06
C SER B 288 -15.42 -9.60 -23.55
N ARG B 289 -16.42 -9.24 -22.76
CA ARG B 289 -17.81 -9.48 -23.12
C ARG B 289 -18.08 -8.82 -24.48
N ALA B 290 -17.77 -7.54 -24.56
CA ALA B 290 -17.99 -6.75 -25.78
C ALA B 290 -17.31 -7.30 -27.04
N LEU B 291 -16.00 -7.53 -26.98
CA LEU B 291 -15.30 -8.06 -28.14
C LEU B 291 -15.96 -9.34 -28.63
N ASN B 292 -15.95 -10.36 -27.79
CA ASN B 292 -16.54 -11.65 -28.14
C ASN B 292 -17.96 -11.56 -28.66
N GLN B 293 -18.83 -10.87 -27.93
CA GLN B 293 -20.22 -10.75 -28.37
C GLN B 293 -20.29 -10.15 -29.77
N TYR B 294 -19.72 -8.96 -29.94
CA TYR B 294 -19.71 -8.29 -31.22
C TYR B 294 -19.17 -9.21 -32.31
N ALA B 295 -18.00 -9.79 -32.06
CA ALA B 295 -17.35 -10.69 -33.01
C ALA B 295 -18.33 -11.72 -33.58
N LYS B 296 -18.95 -12.51 -32.70
CA LYS B 296 -19.91 -13.52 -33.15
C LYS B 296 -20.97 -12.88 -34.03
N LYS B 297 -21.62 -11.85 -33.51
CA LYS B 297 -22.66 -11.15 -34.27
C LYS B 297 -22.20 -10.80 -35.68
N ALA B 298 -20.93 -10.39 -35.81
CA ALA B 298 -20.38 -10.00 -37.10
C ALA B 298 -19.67 -11.12 -37.87
N GLY B 299 -19.70 -12.34 -37.34
CA GLY B 299 -19.06 -13.46 -38.00
C GLY B 299 -17.55 -13.41 -38.12
N LEU B 300 -16.89 -12.91 -37.07
CA LEU B 300 -15.43 -12.81 -37.07
C LEU B 300 -14.76 -14.10 -36.56
N ASN B 301 -15.55 -14.96 -35.92
CA ASN B 301 -15.04 -16.21 -35.40
C ASN B 301 -15.35 -17.39 -36.33
N LYS B 302 -14.35 -18.23 -36.56
CA LYS B 302 -14.50 -19.41 -37.43
C LYS B 302 -13.98 -20.65 -36.71
N GLU B 303 -14.76 -21.73 -36.75
CA GLU B 303 -14.39 -22.98 -36.07
C GLU B 303 -14.50 -22.87 -34.55
N LYS B 304 -14.78 -21.65 -34.08
CA LYS B 304 -14.93 -21.38 -32.65
C LYS B 304 -13.55 -21.40 -31.98
N GLY B 305 -12.58 -20.76 -32.63
CA GLY B 305 -11.22 -20.70 -32.11
C GLY B 305 -11.11 -20.19 -30.68
N PRO B 306 -9.91 -20.28 -30.07
CA PRO B 306 -9.64 -19.83 -28.70
C PRO B 306 -9.22 -18.37 -28.57
N GLN B 307 -9.97 -17.48 -29.21
CA GLN B 307 -9.65 -16.04 -29.17
C GLN B 307 -9.50 -15.40 -27.78
N PRO B 308 -10.30 -15.83 -26.78
CA PRO B 308 -10.16 -15.22 -25.46
C PRO B 308 -8.91 -15.63 -24.68
N THR B 309 -8.97 -15.45 -23.36
CA THR B 309 -8.08 -16.44 -22.48
C THR B 309 -7.42 -15.24 -21.79
N GLY B 310 -7.82 -14.03 -22.20
CA GLY B 310 -7.57 -12.87 -21.28
C GLY B 310 -6.26 -12.32 -21.79
N ASP B 311 -5.18 -13.07 -21.56
CA ASP B 311 -3.86 -12.65 -22.00
C ASP B 311 -3.83 -12.37 -23.51
N ASP B 312 -4.67 -13.09 -24.26
CA ASP B 312 -4.73 -12.90 -25.70
C ASP B 312 -5.27 -11.52 -26.03
N LEU B 313 -6.31 -11.11 -25.31
CA LEU B 313 -6.92 -9.80 -25.51
C LEU B 313 -6.08 -8.65 -24.95
N LEU B 314 -5.16 -8.98 -24.05
CA LEU B 314 -4.29 -7.99 -23.43
C LEU B 314 -3.10 -7.60 -24.30
N GLU B 315 -2.74 -8.46 -25.24
CA GLU B 315 -1.62 -8.22 -26.12
C GLU B 315 -1.76 -6.93 -26.93
N GLY B 316 -0.79 -6.04 -26.78
CA GLY B 316 -0.81 -4.77 -27.50
C GLY B 316 -1.89 -3.81 -27.06
N LEU B 317 -2.52 -4.09 -25.92
CA LEU B 317 -3.58 -3.25 -25.38
C LEU B 317 -3.03 -2.25 -24.37
N TYR B 318 -3.25 -0.98 -24.64
CA TYR B 318 -2.81 0.07 -23.75
C TYR B 318 -4.10 0.75 -23.28
N ALA B 319 -4.32 0.76 -21.97
CA ALA B 319 -5.54 1.37 -21.44
C ALA B 319 -5.41 1.95 -20.04
N VAL B 320 -6.27 2.93 -19.77
CA VAL B 320 -6.33 3.62 -18.49
C VAL B 320 -7.75 3.64 -18.00
N VAL B 321 -8.00 3.05 -16.84
CA VAL B 321 -9.33 3.02 -16.24
C VAL B 321 -9.29 3.89 -15.01
N SER B 322 -10.19 4.87 -14.95
CA SER B 322 -10.24 5.79 -13.82
C SER B 322 -11.66 5.98 -13.31
N VAL B 323 -11.85 5.84 -12.01
CA VAL B 323 -13.18 6.04 -11.46
C VAL B 323 -13.09 7.01 -10.31
N LYS B 324 -14.22 7.64 -10.03
CA LYS B 324 -14.32 8.58 -8.94
C LYS B 324 -15.58 8.17 -8.21
N LEU B 325 -15.48 8.02 -6.90
CA LEU B 325 -16.60 7.60 -6.10
C LEU B 325 -16.46 8.03 -4.67
N PRO B 326 -17.60 8.26 -3.99
CA PRO B 326 -17.56 8.68 -2.60
C PRO B 326 -17.27 7.44 -1.75
N ASN B 327 -16.86 7.66 -0.52
CA ASN B 327 -16.57 6.58 0.41
C ASN B 327 -15.78 5.41 -0.19
N PRO B 328 -14.64 5.69 -0.83
CA PRO B 328 -13.89 4.56 -1.39
C PRO B 328 -13.38 3.63 -0.27
N GLN B 329 -13.32 2.34 -0.58
CA GLN B 329 -12.88 1.30 0.33
C GLN B 329 -11.63 0.66 -0.26
N PHE B 330 -10.55 0.65 0.50
CA PHE B 330 -9.30 0.06 0.01
C PHE B 330 -8.86 -1.12 0.86
N GLU B 331 -8.01 -1.95 0.28
CA GLU B 331 -7.48 -3.15 0.94
C GLU B 331 -6.95 -2.85 2.35
N GLY B 332 -6.46 -1.63 2.55
CA GLY B 332 -5.92 -1.24 3.84
C GLY B 332 -5.04 -0.02 3.68
N GLN B 333 -5.17 0.93 4.62
CA GLN B 333 -4.38 2.15 4.57
C GLN B 333 -4.65 2.97 3.30
N THR B 334 -5.94 3.16 3.02
CA THR B 334 -6.45 3.92 1.88
C THR B 334 -5.62 3.96 0.58
N LYS B 335 -5.38 2.78 0.00
CA LYS B 335 -4.62 2.64 -1.25
C LYS B 335 -4.35 1.17 -1.57
N GLY B 336 -3.95 0.90 -2.81
CA GLY B 336 -3.65 -0.47 -3.21
C GLY B 336 -4.65 -1.13 -4.13
N LYS B 337 -5.72 -1.66 -3.54
CA LYS B 337 -6.76 -2.35 -4.30
C LYS B 337 -8.16 -1.84 -3.94
N LEU B 338 -8.88 -1.39 -4.95
CA LEU B 338 -10.24 -0.87 -4.80
C LEU B 338 -11.21 -2.02 -4.51
N LEU B 339 -11.96 -1.93 -3.42
CA LEU B 339 -12.91 -3.00 -3.07
C LEU B 339 -14.39 -2.70 -3.31
N ASN B 340 -14.75 -1.44 -3.57
CA ASN B 340 -16.16 -1.05 -3.77
C ASN B 340 -16.86 -1.81 -4.90
N PRO B 341 -17.91 -2.59 -4.57
CA PRO B 341 -18.64 -3.35 -5.59
C PRO B 341 -19.35 -2.43 -6.59
N GLU B 342 -19.78 -1.27 -6.13
CA GLU B 342 -20.48 -0.31 -6.99
C GLU B 342 -19.56 0.21 -8.10
N ALA B 343 -18.25 0.24 -7.85
CA ALA B 343 -17.31 0.72 -8.87
C ALA B 343 -17.26 -0.33 -9.97
N GLY B 344 -17.29 -1.60 -9.57
CA GLY B 344 -17.26 -2.69 -10.53
C GLY B 344 -18.49 -2.59 -11.41
N THR B 345 -19.67 -2.45 -10.79
CA THR B 345 -20.90 -2.35 -11.56
C THR B 345 -20.93 -1.12 -12.49
N ALA B 346 -20.35 -0.01 -12.04
CA ALA B 346 -20.32 1.20 -12.85
C ALA B 346 -19.44 0.99 -14.09
N VAL B 347 -18.21 0.53 -13.86
CA VAL B 347 -17.27 0.30 -14.95
C VAL B 347 -17.84 -0.72 -15.93
N GLY B 348 -18.19 -1.90 -15.44
CA GLY B 348 -18.76 -2.91 -16.31
C GLY B 348 -19.93 -2.37 -17.14
N GLN B 349 -20.86 -1.70 -16.46
CA GLN B 349 -22.04 -1.15 -17.12
C GLN B 349 -21.66 -0.12 -18.19
N VAL B 350 -20.91 0.90 -17.79
CA VAL B 350 -20.50 1.96 -18.71
C VAL B 350 -19.64 1.50 -19.89
N VAL B 351 -18.66 0.64 -19.65
CA VAL B 351 -17.79 0.20 -20.73
C VAL B 351 -18.40 -0.84 -21.68
N TYR B 352 -19.22 -1.74 -21.15
CA TYR B 352 -19.83 -2.78 -21.99
C TYR B 352 -20.69 -2.16 -23.10
N GLU B 353 -21.73 -1.42 -22.69
CA GLU B 353 -22.63 -0.80 -23.65
C GLU B 353 -21.91 0.08 -24.66
N ARG B 354 -21.01 0.93 -24.17
CA ARG B 354 -20.27 1.83 -25.05
C ARG B 354 -19.28 1.14 -25.98
N LEU B 355 -18.64 0.06 -25.53
CA LEU B 355 -17.68 -0.64 -26.37
C LEU B 355 -18.39 -1.26 -27.56
N LEU B 356 -19.57 -1.83 -27.33
CA LEU B 356 -20.35 -2.43 -28.41
C LEU B 356 -20.54 -1.38 -29.50
N GLU B 357 -21.03 -0.21 -29.12
CA GLU B 357 -21.24 0.88 -30.08
C GLU B 357 -19.94 1.19 -30.80
N ILE B 358 -18.90 1.48 -30.03
CA ILE B 358 -17.58 1.79 -30.61
C ILE B 358 -17.13 0.76 -31.62
N LEU B 359 -17.32 -0.52 -31.29
CA LEU B 359 -16.94 -1.60 -32.19
C LEU B 359 -17.80 -1.61 -33.45
N GLU B 360 -19.11 -1.47 -33.28
CA GLU B 360 -20.02 -1.47 -34.41
C GLU B 360 -19.74 -0.34 -35.39
N GLU B 361 -19.51 0.87 -34.89
CA GLU B 361 -19.23 2.00 -35.79
C GLU B 361 -17.79 2.02 -36.31
N ASN B 362 -16.93 1.17 -35.76
CA ASN B 362 -15.54 1.08 -36.22
C ASN B 362 -15.22 -0.37 -36.58
N PRO B 363 -15.94 -0.94 -37.58
CA PRO B 363 -15.75 -2.32 -38.02
C PRO B 363 -14.32 -2.75 -38.36
N ARG B 364 -13.64 -2.00 -39.23
CA ARG B 364 -12.28 -2.34 -39.61
C ARG B 364 -11.38 -2.49 -38.40
N ILE B 365 -11.38 -1.47 -37.53
CA ILE B 365 -10.56 -1.49 -36.33
C ILE B 365 -10.93 -2.72 -35.48
N ALA B 366 -12.24 -2.91 -35.28
CA ALA B 366 -12.72 -4.03 -34.48
C ALA B 366 -12.15 -5.35 -34.99
N LYS B 367 -12.15 -5.51 -36.30
CA LYS B 367 -11.63 -6.72 -36.92
C LYS B 367 -10.13 -6.87 -36.66
N ALA B 368 -9.37 -5.80 -36.89
CA ALA B 368 -7.93 -5.85 -36.67
C ALA B 368 -7.56 -6.26 -35.25
N VAL B 369 -8.25 -5.70 -34.27
CA VAL B 369 -7.98 -6.01 -32.87
C VAL B 369 -8.40 -7.44 -32.52
N TYR B 370 -9.56 -7.85 -33.01
CA TYR B 370 -10.03 -9.21 -32.76
C TYR B 370 -9.10 -10.18 -33.48
N GLU B 371 -8.69 -9.77 -34.68
CA GLU B 371 -7.78 -10.54 -35.53
C GLU B 371 -6.46 -10.73 -34.77
N LYS B 372 -6.00 -9.66 -34.13
CA LYS B 372 -4.75 -9.70 -33.36
C LYS B 372 -4.85 -10.63 -32.17
N ALA B 373 -6.05 -10.73 -31.60
CA ALA B 373 -6.28 -11.60 -30.46
C ALA B 373 -6.15 -13.07 -30.85
N LEU B 374 -6.66 -13.42 -32.04
CA LEU B 374 -6.57 -14.79 -32.53
C LEU B 374 -5.10 -15.17 -32.77
N ARG B 375 -4.37 -14.29 -33.45
CA ARG B 375 -2.96 -14.54 -33.72
C ARG B 375 -2.14 -14.60 -32.43
N ALA B 376 -2.67 -14.00 -31.36
CA ALA B 376 -1.99 -14.01 -30.08
C ALA B 376 -2.20 -15.37 -29.43
N ALA B 377 -3.42 -15.89 -29.53
CA ALA B 377 -3.76 -17.20 -28.95
C ALA B 377 -2.88 -18.27 -29.60
N GLN B 378 -2.82 -18.25 -30.93
CA GLN B 378 -2.01 -19.20 -31.68
C GLN B 378 -0.56 -19.17 -31.23
N ALA B 379 0.01 -17.97 -31.15
CA ALA B 379 1.40 -17.81 -30.71
C ALA B 379 1.58 -18.45 -29.33
N ARG B 380 0.61 -18.23 -28.45
CA ARG B 380 0.65 -18.80 -27.10
C ARG B 380 0.70 -20.33 -27.19
N GLU B 381 -0.15 -20.88 -28.04
CA GLU B 381 -0.24 -22.32 -28.25
C GLU B 381 1.10 -22.90 -28.72
N ALA B 382 1.67 -22.29 -29.76
CA ALA B 382 2.94 -22.71 -30.33
C ALA B 382 4.08 -22.73 -29.31
N ALA B 383 4.18 -21.69 -28.50
CA ALA B 383 5.22 -21.60 -27.48
C ALA B 383 5.02 -22.64 -26.38
N ARG B 384 3.75 -22.95 -26.10
CA ARG B 384 3.41 -23.93 -25.08
C ARG B 384 3.92 -25.31 -25.47
N LYS B 385 3.47 -25.81 -26.61
CA LYS B 385 3.89 -27.11 -27.09
C LYS B 385 5.41 -27.18 -27.22
N ALA B 386 6.01 -26.15 -27.81
CA ALA B 386 7.45 -26.07 -28.00
C ALA B 386 8.21 -26.20 -26.68
N ARG B 387 7.72 -25.49 -25.66
CA ARG B 387 8.34 -25.51 -24.35
C ARG B 387 8.06 -26.83 -23.64
N GLU B 388 6.92 -27.44 -23.95
CA GLU B 388 6.52 -28.71 -23.35
C GLU B 388 7.03 -29.87 -24.21
N LEU B 389 8.05 -29.59 -25.01
CA LEU B 389 8.63 -30.60 -25.90
C LEU B 389 10.01 -30.98 -25.37
N VAL B 390 10.72 -29.99 -24.82
CA VAL B 390 12.05 -30.23 -24.26
C VAL B 390 11.96 -30.43 -22.75
#